data_2VG2
#
_entry.id   2VG2
#
_cell.length_a   87.074
_cell.length_b   87.074
_cell.length_c   183.711
_cell.angle_alpha   90.00
_cell.angle_beta   90.00
_cell.angle_gamma   120.00
#
_symmetry.space_group_name_H-M   'P 32'
#
loop_
_entity.id
_entity.type
_entity.pdbx_description
1 polymer 'UNDECAPRENYL PYROPHOSPHATE SYNTHETASE'
2 non-polymer DIPHOSPHATE
3 non-polymer '3-METHYLBUT-3-ENYL TRIHYDROGEN DIPHOSPHATE'
4 non-polymer GLYCEROL
5 non-polymer 'CHLORIDE ION'
6 non-polymer 'PHOSPHATE ION'
7 water water
#
_entity_poly.entity_id   1
_entity_poly.type   'polypeptide(L)'
_entity_poly.pdbx_seq_one_letter_code
;FPQLPPAPDDYPTFPDTSTWPVVFPELPAAPYGGPCRPPQHTSKAAAPRIPADRLPNHVAIVMDGNGRWATQRGLARTEG
HKMGEAVVIDIACGAIELGIKWLSLYAFSTENWKRSPEEVRFLMGFNRDVVRRRRDTLKKLGVRIRWVGSRPRLWRSVIN
ELAVAEEMTKSNDVITINYCVNYGGRTEITEATREIAREVAAGRLNPERITESTIARHLQRPDIPDVDLFLRTSGEQRSS
NFMLWQAAYAEYIFQDKLWPDYDRRDLWAACEEYASRTRRFGSA
;
_entity_poly.pdbx_strand_id   A,B,C,D
#
# COMPACT_ATOMS: atom_id res chain seq x y z
N PHE A 1 26.77 26.93 11.29
CA PHE A 1 26.83 25.86 12.32
C PHE A 1 25.50 25.33 12.88
N PRO A 2 24.86 24.34 12.21
CA PRO A 2 23.81 24.46 11.22
C PRO A 2 22.45 24.16 11.92
N GLN A 3 22.49 23.83 13.22
CA GLN A 3 21.28 23.40 13.91
C GLN A 3 20.41 24.61 14.21
N LEU A 4 19.10 24.37 14.23
CA LEU A 4 18.18 25.34 14.79
C LEU A 4 18.38 25.37 16.31
N PRO A 5 18.37 26.57 16.91
CA PRO A 5 18.47 26.61 18.36
C PRO A 5 17.30 25.93 19.04
N PRO A 6 17.42 25.65 20.34
CA PRO A 6 16.27 25.04 21.01
C PRO A 6 15.04 25.90 20.75
N ALA A 7 13.92 25.28 20.41
CA ALA A 7 12.70 26.02 20.08
C ALA A 7 12.20 26.83 21.24
N PRO A 8 11.42 27.88 20.98
CA PRO A 8 10.79 28.56 22.09
C PRO A 8 10.01 27.52 22.92
N ASP A 9 10.03 27.65 24.24
CA ASP A 9 9.41 26.64 25.12
C ASP A 9 7.95 26.39 24.76
N ASP A 10 7.23 27.45 24.42
CA ASP A 10 5.82 27.35 24.07
C ASP A 10 5.58 27.01 22.60
N TYR A 11 6.63 26.68 21.83
CA TYR A 11 6.46 26.35 20.41
C TYR A 11 5.68 25.04 20.28
N PRO A 12 4.77 24.93 19.31
CA PRO A 12 3.98 23.70 19.19
C PRO A 12 4.84 22.42 19.11
N THR A 13 4.30 21.32 19.63
CA THR A 13 5.00 20.03 19.67
C THR A 13 4.38 19.01 18.71
N PHE A 14 5.12 17.93 18.48
CA PHE A 14 4.72 16.88 17.55
C PHE A 14 5.54 15.63 17.86
N PRO A 15 4.94 14.41 17.72
CA PRO A 15 3.55 14.07 17.42
C PRO A 15 2.66 13.74 18.65
N ASP A 16 1.38 14.15 18.56
CA ASP A 16 0.35 13.70 19.50
C ASP A 16 -0.36 12.48 18.91
N THR A 17 -0.01 11.29 19.39
CA THR A 17 -0.52 10.05 18.82
C THR A 17 -1.84 9.59 19.45
N SER A 18 -2.55 10.53 20.09
CA SER A 18 -3.86 10.28 20.66
C SER A 18 -4.98 10.39 19.62
N THR A 19 -4.64 10.82 18.40
CA THR A 19 -5.58 10.78 17.29
C THR A 19 -4.88 10.17 16.10
N TRP A 20 -5.68 9.58 15.19
CA TRP A 20 -5.18 9.13 13.90
C TRP A 20 -6.11 9.60 12.79
N PRO A 21 -5.55 10.18 11.70
CA PRO A 21 -4.14 10.57 11.53
C PRO A 21 -3.75 11.62 12.56
N VAL A 22 -2.46 11.76 12.83
CA VAL A 22 -2.02 12.73 13.82
CA VAL A 22 -2.00 12.73 13.81
C VAL A 22 -2.24 14.15 13.30
N VAL A 23 -2.59 15.03 14.21
CA VAL A 23 -2.80 16.42 13.89
C VAL A 23 -1.45 17.09 13.84
N PHE A 24 -1.11 17.64 12.70
CA PHE A 24 0.09 18.44 12.63
C PHE A 24 -0.31 19.83 13.11
N PRO A 25 0.37 20.36 14.15
CA PRO A 25 -0.12 21.59 14.76
C PRO A 25 -0.03 22.82 13.85
N GLU A 26 -0.95 23.75 14.04
CA GLU A 26 -0.85 25.04 13.42
C GLU A 26 0.41 25.71 13.99
N LEU A 27 1.22 26.31 13.13
CA LEU A 27 2.47 26.94 13.56
C LEU A 27 2.31 28.46 13.56
N PRO A 28 3.02 29.17 14.47
CA PRO A 28 2.97 30.62 14.50
C PRO A 28 3.37 31.24 13.15
N ALA A 29 2.76 32.36 12.81
CA ALA A 29 3.14 33.09 11.60
C ALA A 29 4.59 33.54 11.73
N ALA A 30 5.30 33.59 10.60
CA ALA A 30 6.66 34.15 10.56
C ALA A 30 6.59 35.57 9.98
N PRO A 31 7.36 36.52 10.54
CA PRO A 31 7.23 37.92 10.15
C PRO A 31 7.38 38.21 8.66
N TYR A 32 8.28 37.49 7.99
CA TYR A 32 8.52 37.73 6.57
C TYR A 32 8.68 36.48 5.75
N GLY A 33 7.82 35.50 6.00
CA GLY A 33 7.78 34.30 5.18
C GLY A 33 9.06 33.51 5.28
N GLY A 34 9.35 32.73 4.24
CA GLY A 34 10.40 31.72 4.31
C GLY A 34 9.84 30.54 5.07
N PRO A 35 10.64 29.46 5.19
CA PRO A 35 10.12 28.22 5.77
C PRO A 35 9.84 28.35 7.25
N CYS A 36 8.81 27.65 7.71
CA CYS A 36 8.43 27.68 9.11
CA CYS A 36 8.43 27.68 9.10
C CYS A 36 9.33 26.76 9.91
N ARG A 37 9.63 27.17 11.15
CA ARG A 37 10.30 26.32 12.09
C ARG A 37 9.44 25.07 12.39
N PRO A 38 10.03 23.87 12.30
CA PRO A 38 9.21 22.69 12.54
C PRO A 38 8.77 22.60 14.00
N PRO A 39 7.64 21.93 14.27
CA PRO A 39 7.26 21.76 15.67
C PRO A 39 8.33 20.95 16.37
N GLN A 40 8.60 21.29 17.62
CA GLN A 40 9.59 20.58 18.40
C GLN A 40 8.98 19.26 18.83
N HIS A 41 9.83 18.34 19.25
CA HIS A 41 9.35 17.06 19.76
C HIS A 41 8.51 17.24 21.04
N THR A 42 7.64 16.28 21.32
CA THR A 42 6.84 16.25 22.55
C THR A 42 7.71 16.42 23.79
N SER A 43 8.90 15.85 23.76
CA SER A 43 9.83 15.92 24.88
C SER A 43 10.48 17.30 25.03
N LYS A 44 10.34 18.13 24.00
CA LYS A 44 10.99 19.45 23.95
C LYS A 44 12.53 19.36 23.99
N ALA A 45 13.05 18.19 23.64
CA ALA A 45 14.49 18.03 23.39
C ALA A 45 14.95 18.94 22.23
N ALA A 46 16.20 19.37 22.30
CA ALA A 46 16.83 20.17 21.26
C ALA A 46 17.89 19.35 20.53
N ALA A 47 18.05 19.60 19.23
CA ALA A 47 19.05 18.88 18.45
C ALA A 47 20.47 19.12 19.00
N PRO A 48 21.32 18.07 19.00
CA PRO A 48 22.71 18.17 19.47
C PRO A 48 23.50 19.09 18.56
N ARG A 49 24.43 19.84 19.13
CA ARG A 49 25.26 20.76 18.38
C ARG A 49 26.40 19.99 17.74
N ILE A 50 26.32 19.82 16.42
CA ILE A 50 27.31 19.09 15.66
C ILE A 50 27.72 19.99 14.49
N PRO A 51 29.03 20.22 14.31
CA PRO A 51 29.54 21.04 13.21
C PRO A 51 29.07 20.51 11.87
N ALA A 52 28.76 21.43 10.95
CA ALA A 52 28.20 21.04 9.66
C ALA A 52 29.10 20.04 8.92
N ASP A 53 30.40 20.22 9.04
CA ASP A 53 31.37 19.35 8.37
C ASP A 53 31.41 17.92 8.92
N ARG A 54 30.87 17.71 10.12
CA ARG A 54 30.84 16.39 10.75
C ARG A 54 29.49 15.65 10.68
N LEU A 55 28.46 16.38 10.26
CA LEU A 55 27.18 15.79 10.00
C LEU A 55 27.25 14.87 8.80
N PRO A 56 26.38 13.84 8.79
CA PRO A 56 26.13 13.15 7.53
C PRO A 56 25.39 14.10 6.58
N ASN A 57 25.84 14.19 5.33
CA ASN A 57 25.14 15.00 4.32
C ASN A 57 23.83 14.30 3.93
N HIS A 58 23.90 12.99 3.84
CA HIS A 58 22.80 12.20 3.35
C HIS A 58 22.60 11.00 4.24
N VAL A 59 21.42 10.97 4.88
CA VAL A 59 20.96 9.86 5.70
C VAL A 59 19.88 9.05 4.98
N ALA A 60 20.07 7.74 4.92
CA ALA A 60 19.09 6.81 4.35
C ALA A 60 18.53 5.98 5.47
N ILE A 61 17.21 5.79 5.48
CA ILE A 61 16.52 5.05 6.53
C ILE A 61 15.65 3.95 5.96
N VAL A 62 15.88 2.73 6.43
CA VAL A 62 14.97 1.63 6.21
C VAL A 62 14.08 1.55 7.45
N MET A 63 12.81 1.84 7.26
CA MET A 63 11.84 2.00 8.32
C MET A 63 11.15 0.67 8.66
N ASP A 64 11.87 -0.17 9.38
CA ASP A 64 11.49 -1.55 9.58
C ASP A 64 10.84 -1.76 10.93
N GLY A 65 9.94 -2.75 11.04
CA GLY A 65 9.34 -3.13 12.32
C GLY A 65 7.87 -2.79 12.53
N ASN A 66 7.27 -2.11 11.56
CA ASN A 66 5.86 -1.67 11.64
C ASN A 66 4.90 -2.82 11.93
N GLY A 67 4.97 -3.85 11.09
CA GLY A 67 4.08 -5.00 11.21
C GLY A 67 4.27 -5.74 12.52
N ARG A 68 5.53 -5.99 12.87
CA ARG A 68 5.93 -6.64 14.13
C ARG A 68 5.39 -5.90 15.35
N TRP A 69 5.53 -4.58 15.33
CA TRP A 69 4.99 -3.71 16.38
C TRP A 69 3.50 -3.96 16.58
N ALA A 70 2.77 -4.15 15.48
CA ALA A 70 1.32 -4.41 15.53
C ALA A 70 0.99 -5.83 16.00
N THR A 71 1.68 -6.83 15.44
CA THR A 71 1.48 -8.25 15.80
C THR A 71 1.76 -8.50 17.27
N GLN A 72 2.82 -7.86 17.74
CA GLN A 72 3.22 -7.80 19.15
C GLN A 72 2.09 -7.34 20.07
N ARG A 73 1.22 -6.47 19.54
CA ARG A 73 0.07 -5.97 20.28
C ARG A 73 -1.23 -6.69 19.92
N GLY A 74 -1.15 -7.77 19.16
CA GLY A 74 -2.34 -8.50 18.71
C GLY A 74 -3.17 -7.74 17.68
N LEU A 75 -2.52 -6.88 16.90
CA LEU A 75 -3.20 -6.07 15.87
C LEU A 75 -2.74 -6.47 14.48
N ALA A 76 -3.52 -6.10 13.47
CA ALA A 76 -3.15 -6.39 12.08
C ALA A 76 -1.93 -5.54 11.71
N ARG A 77 -1.06 -6.08 10.86
CA ARG A 77 0.20 -5.39 10.51
C ARG A 77 -0.04 -3.98 9.96
N THR A 78 -1.15 -3.79 9.22
CA THR A 78 -1.45 -2.47 8.66
C THR A 78 -1.61 -1.39 9.73
N GLU A 79 -1.94 -1.78 10.96
CA GLU A 79 -2.04 -0.82 12.07
C GLU A 79 -0.69 -0.26 12.51
N GLY A 80 0.36 -1.07 12.39
CA GLY A 80 1.71 -0.61 12.62
C GLY A 80 2.11 0.42 11.58
N HIS A 81 1.78 0.15 10.33
CA HIS A 81 2.13 1.07 9.25
C HIS A 81 1.50 2.45 9.50
N LYS A 82 0.26 2.48 10.00
CA LYS A 82 -0.42 3.74 10.31
C LYS A 82 0.38 4.59 11.31
N MET A 83 0.94 3.94 12.32
CA MET A 83 1.75 4.67 13.32
C MET A 83 3.06 5.21 12.74
N GLY A 84 3.56 4.57 11.67
CA GLY A 84 4.80 4.97 11.05
C GLY A 84 4.77 6.33 10.36
N GLU A 85 3.58 6.79 9.98
CA GLU A 85 3.39 8.06 9.30
C GLU A 85 3.85 9.22 10.18
N ALA A 86 3.39 9.23 11.43
CA ALA A 86 3.77 10.27 12.38
C ALA A 86 5.27 10.26 12.59
N VAL A 87 5.86 9.07 12.62
CA VAL A 87 7.31 8.93 12.81
C VAL A 87 8.10 9.52 11.62
N VAL A 88 7.67 9.24 10.39
CA VAL A 88 8.26 9.87 9.20
C VAL A 88 8.30 11.41 9.35
N ILE A 89 7.18 12.00 9.73
CA ILE A 89 7.09 13.47 9.84
C ILE A 89 7.92 13.98 11.02
N ASP A 90 7.91 13.24 12.13
CA ASP A 90 8.75 13.58 13.28
C ASP A 90 10.23 13.57 12.90
N ILE A 91 10.62 12.54 12.16
CA ILE A 91 11.99 12.44 11.70
C ILE A 91 12.36 13.54 10.71
N ALA A 92 11.44 13.89 9.82
CA ALA A 92 11.64 15.03 8.93
C ALA A 92 11.91 16.31 9.74
N CYS A 93 11.07 16.57 10.74
CA CYS A 93 11.20 17.73 11.63
C CYS A 93 12.55 17.71 12.34
N GLY A 94 12.93 16.55 12.88
CA GLY A 94 14.21 16.43 13.58
C GLY A 94 15.42 16.54 12.67
N ALA A 95 15.29 16.07 11.43
CA ALA A 95 16.36 16.22 10.43
C ALA A 95 16.61 17.70 10.13
N ILE A 96 15.53 18.46 10.03
CA ILE A 96 15.62 19.91 9.87
C ILE A 96 16.27 20.60 11.07
N GLU A 97 15.85 20.26 12.28
CA GLU A 97 16.45 20.86 13.46
C GLU A 97 17.96 20.58 13.55
N LEU A 98 18.37 19.40 13.12
CA LEU A 98 19.79 18.99 13.13
C LEU A 98 20.60 19.60 11.98
N GLY A 99 19.93 19.95 10.88
CA GLY A 99 20.61 20.55 9.73
C GLY A 99 21.00 19.55 8.64
N ILE A 100 20.38 18.38 8.66
CA ILE A 100 20.58 17.35 7.63
C ILE A 100 20.03 17.83 6.28
N LYS A 101 20.82 17.71 5.21
CA LYS A 101 20.40 18.22 3.89
C LYS A 101 19.69 17.22 2.99
N TRP A 102 19.95 15.92 3.18
CA TRP A 102 19.37 14.88 2.34
C TRP A 102 18.90 13.72 3.20
N LEU A 103 17.68 13.30 2.96
CA LEU A 103 17.04 12.19 3.65
C LEU A 103 16.33 11.31 2.65
N SER A 104 16.67 10.02 2.63
CA SER A 104 15.99 9.04 1.79
C SER A 104 15.25 8.02 2.65
N LEU A 105 13.96 7.82 2.36
CA LEU A 105 13.09 6.94 3.12
C LEU A 105 12.59 5.78 2.25
N TYR A 106 12.81 4.56 2.72
CA TYR A 106 12.44 3.36 1.97
C TYR A 106 10.99 2.99 2.22
N ALA A 107 10.07 3.62 1.51
CA ALA A 107 8.62 3.42 1.79
C ALA A 107 8.10 2.09 1.27
N PHE A 108 8.58 1.66 0.12
CA PHE A 108 8.11 0.41 -0.49
C PHE A 108 9.15 -0.07 -1.48
N SER A 109 9.58 -1.32 -1.36
CA SER A 109 10.59 -1.85 -2.29
C SER A 109 9.98 -2.66 -3.42
N THR A 110 10.76 -2.85 -4.48
CA THR A 110 10.36 -3.70 -5.60
C THR A 110 10.16 -5.17 -5.20
N GLU A 111 10.63 -5.55 -4.01
CA GLU A 111 10.43 -6.91 -3.51
C GLU A 111 9.19 -7.04 -2.61
N ASN A 112 8.63 -5.92 -2.17
CA ASN A 112 7.48 -5.93 -1.25
C ASN A 112 6.18 -6.37 -1.92
N TRP A 113 6.19 -6.46 -3.26
CA TRP A 113 5.10 -7.14 -4.00
C TRP A 113 4.94 -8.60 -3.56
N LYS A 114 5.95 -9.15 -2.89
CA LYS A 114 5.85 -10.50 -2.35
C LYS A 114 4.94 -10.62 -1.12
N ARG A 115 4.56 -9.49 -0.51
CA ARG A 115 3.66 -9.53 0.64
C ARG A 115 2.22 -9.83 0.20
N SER A 116 1.33 -10.05 1.16
CA SER A 116 -0.06 -10.39 0.83
C SER A 116 -0.70 -9.28 -0.01
N PRO A 117 -1.66 -9.64 -0.89
CA PRO A 117 -2.35 -8.60 -1.68
C PRO A 117 -3.02 -7.53 -0.80
N GLU A 118 -3.61 -7.96 0.30
CA GLU A 118 -4.22 -7.04 1.26
C GLU A 118 -3.20 -6.02 1.81
N GLU A 119 -2.01 -6.50 2.18
CA GLU A 119 -0.99 -5.58 2.70
C GLU A 119 -0.45 -4.67 1.60
N VAL A 120 -0.23 -5.21 0.41
CA VAL A 120 0.25 -4.40 -0.72
C VAL A 120 -0.77 -3.33 -1.08
N ARG A 121 -2.04 -3.73 -1.20
CA ARG A 121 -3.09 -2.78 -1.53
C ARG A 121 -3.13 -1.68 -0.46
N PHE A 122 -3.12 -2.06 0.81
CA PHE A 122 -3.02 -1.05 1.88
C PHE A 122 -1.84 -0.08 1.73
N LEU A 123 -0.62 -0.58 1.52
CA LEU A 123 0.57 0.29 1.45
C LEU A 123 0.51 1.24 0.24
N MET A 124 -0.04 0.76 -0.86
CA MET A 124 -0.19 1.60 -2.04
C MET A 124 -1.13 2.78 -1.74
N GLY A 125 -2.31 2.47 -1.20
CA GLY A 125 -3.27 3.50 -0.87
C GLY A 125 -2.76 4.42 0.24
N PHE A 126 -2.10 3.83 1.22
CA PHE A 126 -1.60 4.59 2.36
C PHE A 126 -0.53 5.59 1.95
N ASN A 127 0.43 5.16 1.13
CA ASN A 127 1.47 6.07 0.68
C ASN A 127 0.89 7.20 -0.19
N ARG A 128 -0.09 6.89 -1.04
CA ARG A 128 -0.83 7.91 -1.78
C ARG A 128 -1.43 8.95 -0.83
N ASP A 129 -2.09 8.47 0.21
CA ASP A 129 -2.82 9.34 1.14
C ASP A 129 -1.89 10.18 2.00
N VAL A 130 -0.82 9.55 2.51
CA VAL A 130 0.19 10.24 3.31
C VAL A 130 0.80 11.41 2.54
N VAL A 131 1.15 11.18 1.27
CA VAL A 131 1.71 12.26 0.44
C VAL A 131 0.72 13.43 0.27
N ARG A 132 -0.54 13.14 -0.07
CA ARG A 132 -1.54 14.20 -0.17
C ARG A 132 -1.73 14.91 1.17
N ARG A 133 -1.78 14.13 2.25
CA ARG A 133 -2.08 14.67 3.58
C ARG A 133 -0.95 15.55 4.13
N ARG A 134 0.30 15.27 3.74
CA ARG A 134 1.48 15.92 4.33
C ARG A 134 2.24 16.88 3.44
N ARG A 135 1.96 16.94 2.15
CA ARG A 135 2.82 17.73 1.26
C ARG A 135 2.71 19.25 1.48
N ASP A 136 1.54 19.73 1.90
CA ASP A 136 1.37 21.18 2.19
C ASP A 136 2.25 21.57 3.39
N THR A 137 2.27 20.71 4.41
CA THR A 137 3.11 20.92 5.59
C THR A 137 4.59 20.85 5.23
N LEU A 138 4.97 19.81 4.49
CA LEU A 138 6.33 19.67 3.99
C LEU A 138 6.78 20.91 3.21
N LYS A 139 5.95 21.38 2.27
CA LYS A 139 6.24 22.61 1.54
C LYS A 139 6.52 23.77 2.49
N LYS A 140 5.67 23.95 3.49
CA LYS A 140 5.82 25.11 4.38
C LYS A 140 7.05 24.99 5.29
N LEU A 141 7.52 23.76 5.50
CA LEU A 141 8.76 23.54 6.23
C LEU A 141 10.01 23.76 5.36
N GLY A 142 9.84 23.99 4.07
CA GLY A 142 10.99 24.11 3.15
C GLY A 142 11.56 22.77 2.73
N VAL A 143 10.77 21.71 2.82
CA VAL A 143 11.16 20.40 2.34
C VAL A 143 10.94 20.34 0.83
N ARG A 144 11.94 19.83 0.12
CA ARG A 144 11.82 19.49 -1.28
C ARG A 144 11.62 17.98 -1.32
N ILE A 145 10.44 17.54 -1.76
CA ILE A 145 10.11 16.12 -1.76
C ILE A 145 9.79 15.64 -3.17
N ARG A 146 10.24 14.43 -3.49
CA ARG A 146 9.97 13.82 -4.78
C ARG A 146 10.08 12.30 -4.72
N TRP A 147 9.42 11.65 -5.68
CA TRP A 147 9.44 10.21 -5.81
C TRP A 147 10.79 9.68 -6.33
N VAL A 148 11.25 8.59 -5.73
CA VAL A 148 12.31 7.81 -6.33
C VAL A 148 11.83 6.35 -6.39
N GLY A 149 11.89 5.74 -7.56
CA GLY A 149 11.45 4.37 -7.71
C GLY A 149 11.16 3.98 -9.15
N SER A 150 10.63 2.77 -9.30
CA SER A 150 10.37 2.18 -10.62
CA SER A 150 10.38 2.18 -10.62
C SER A 150 8.89 2.19 -10.96
N ARG A 151 8.59 2.33 -12.25
CA ARG A 151 7.21 2.56 -12.69
C ARG A 151 6.31 1.29 -12.73
N PRO A 152 6.80 0.16 -13.28
CA PRO A 152 5.95 -1.03 -13.38
C PRO A 152 5.31 -1.53 -12.05
N ARG A 153 4.01 -1.78 -12.10
CA ARG A 153 3.15 -2.23 -10.98
C ARG A 153 2.75 -1.11 -9.98
N LEU A 154 3.55 -0.06 -9.87
CA LEU A 154 3.27 1.01 -8.93
C LEU A 154 2.00 1.73 -9.33
N TRP A 155 1.12 1.91 -8.36
CA TRP A 155 -0.14 2.61 -8.60
C TRP A 155 0.11 4.02 -9.12
N ARG A 156 -0.55 4.34 -10.24
CA ARG A 156 -0.47 5.66 -10.87
C ARG A 156 -0.88 6.77 -9.90
N SER A 157 -1.86 6.46 -9.05
CA SER A 157 -2.30 7.41 -8.02
C SER A 157 -1.17 7.88 -7.10
N VAL A 158 -0.23 6.98 -6.74
CA VAL A 158 0.90 7.29 -5.88
C VAL A 158 1.89 8.18 -6.64
N ILE A 159 2.17 7.81 -7.87
CA ILE A 159 3.06 8.58 -8.74
C ILE A 159 2.53 10.01 -8.87
N ASN A 160 1.22 10.10 -9.10
CA ASN A 160 0.53 11.38 -9.30
C ASN A 160 0.57 12.30 -8.08
N GLU A 161 0.32 11.75 -6.90
CA GLU A 161 0.40 12.54 -5.68
C GLU A 161 1.84 13.05 -5.44
N LEU A 162 2.84 12.21 -5.69
CA LEU A 162 4.21 12.63 -5.52
C LEU A 162 4.65 13.64 -6.60
N ALA A 163 4.14 13.48 -7.82
CA ALA A 163 4.41 14.47 -8.87
C ALA A 163 3.91 15.87 -8.49
N VAL A 164 2.72 15.96 -7.91
CA VAL A 164 2.23 17.25 -7.42
C VAL A 164 3.10 17.77 -6.27
N ALA A 165 3.50 16.89 -5.35
CA ALA A 165 4.36 17.27 -4.23
C ALA A 165 5.71 17.79 -4.75
N GLU A 166 6.24 17.11 -5.76
CA GLU A 166 7.49 17.50 -6.43
C GLU A 166 7.42 18.90 -7.07
N GLU A 167 6.35 19.14 -7.83
CA GLU A 167 6.16 20.43 -8.47
C GLU A 167 5.97 21.52 -7.41
N MET A 168 5.19 21.21 -6.37
CA MET A 168 4.92 22.16 -5.29
C MET A 168 6.18 22.60 -4.53
N THR A 169 7.12 21.67 -4.40
CA THR A 169 8.29 21.86 -3.52
C THR A 169 9.62 21.98 -4.27
N LYS A 170 9.56 22.09 -5.59
CA LYS A 170 10.78 22.06 -6.40
C LYS A 170 11.76 23.19 -6.11
N SER A 171 11.27 24.34 -5.62
CA SER A 171 12.16 25.47 -5.27
C SER A 171 12.58 25.50 -3.79
N ASN A 172 12.13 24.54 -3.00
CA ASN A 172 12.53 24.49 -1.58
C ASN A 172 13.97 23.99 -1.44
N ASP A 173 14.64 24.41 -0.36
CA ASP A 173 16.05 24.04 -0.17
C ASP A 173 16.51 23.77 1.26
N VAL A 174 15.58 23.63 2.20
CA VAL A 174 15.98 23.33 3.58
C VAL A 174 16.49 21.89 3.69
N ILE A 175 15.75 20.97 3.11
CA ILE A 175 16.13 19.58 3.10
C ILE A 175 15.48 18.96 1.89
N THR A 176 16.14 17.96 1.30
CA THR A 176 15.49 17.15 0.25
C THR A 176 15.19 15.76 0.80
N ILE A 177 13.93 15.35 0.64
CA ILE A 177 13.48 14.03 0.98
C ILE A 177 13.21 13.21 -0.29
N ASN A 178 13.94 12.12 -0.44
CA ASN A 178 13.72 11.13 -1.48
C ASN A 178 12.73 10.12 -0.91
N TYR A 179 11.51 10.17 -1.41
CA TYR A 179 10.45 9.30 -0.94
C TYR A 179 10.42 8.12 -1.88
N CYS A 180 10.99 7.02 -1.43
CA CYS A 180 11.29 5.90 -2.32
C CYS A 180 10.19 4.87 -2.26
N VAL A 181 9.46 4.74 -3.35
CA VAL A 181 8.30 3.86 -3.44
C VAL A 181 8.42 3.01 -4.69
N ASN A 182 8.25 1.70 -4.54
CA ASN A 182 8.59 0.73 -5.58
C ASN A 182 10.04 0.92 -6.03
N TYR A 183 10.91 1.08 -5.02
CA TYR A 183 12.33 1.32 -5.24
C TYR A 183 13.09 0.00 -5.13
N GLY A 184 14.00 -0.24 -6.07
CA GLY A 184 14.95 -1.34 -5.98
C GLY A 184 16.27 -0.91 -6.59
N GLY A 185 17.36 -1.00 -5.82
CA GLY A 185 18.68 -0.58 -6.27
C GLY A 185 19.15 -1.21 -7.57
N ARG A 186 19.06 -2.53 -7.66
CA ARG A 186 19.40 -3.21 -8.90
C ARG A 186 18.55 -2.73 -10.06
N THR A 187 17.26 -2.53 -9.84
CA THR A 187 16.37 -2.06 -10.90
C THR A 187 16.74 -0.66 -11.34
N GLU A 188 17.04 0.22 -10.38
CA GLU A 188 17.43 1.60 -10.71
C GLU A 188 18.73 1.64 -11.55
N ILE A 189 19.68 0.79 -11.19
CA ILE A 189 20.92 0.65 -11.96
C ILE A 189 20.60 0.13 -13.37
N THR A 190 19.69 -0.84 -13.45
CA THR A 190 19.24 -1.40 -14.74
C THR A 190 18.59 -0.33 -15.61
N GLU A 191 17.73 0.49 -15.00
CA GLU A 191 17.10 1.61 -15.69
C GLU A 191 18.15 2.62 -16.24
N ALA A 192 19.20 2.92 -15.46
CA ALA A 192 20.32 3.76 -15.92
C ALA A 192 21.07 3.11 -17.09
N THR A 193 21.26 1.80 -17.01
CA THR A 193 21.93 1.06 -18.07
C THR A 193 21.10 1.15 -19.37
N ARG A 194 19.78 1.00 -19.23
CA ARG A 194 18.87 1.17 -20.36
C ARG A 194 18.94 2.56 -20.97
N GLU A 195 18.92 3.60 -20.14
CA GLU A 195 19.04 4.98 -20.65
C GLU A 195 20.37 5.20 -21.36
N ILE A 196 21.43 4.62 -20.80
CA ILE A 196 22.76 4.67 -21.43
C ILE A 196 22.73 3.99 -22.80
N ALA A 197 22.16 2.79 -22.84
CA ALA A 197 21.93 2.04 -24.07
C ALA A 197 21.19 2.84 -25.15
N ARG A 198 20.15 3.56 -24.74
CA ARG A 198 19.35 4.39 -25.68
C ARG A 198 20.20 5.50 -26.23
N GLU A 199 20.98 6.13 -25.35
CA GLU A 199 21.90 7.19 -25.77
C GLU A 199 22.96 6.68 -26.76
N VAL A 200 23.52 5.52 -26.47
CA VAL A 200 24.44 4.88 -27.41
C VAL A 200 23.77 4.55 -28.75
N ALA A 201 22.56 4.01 -28.71
CA ALA A 201 21.83 3.68 -29.94
C ALA A 201 21.62 4.92 -30.81
N ALA A 202 21.40 6.06 -30.16
CA ALA A 202 21.21 7.35 -30.83
C ALA A 202 22.53 8.03 -31.21
N GLY A 203 23.66 7.41 -30.88
CA GLY A 203 24.98 7.93 -31.23
C GLY A 203 25.54 9.04 -30.34
N ARG A 204 24.79 9.39 -29.29
CA ARG A 204 25.11 10.51 -28.38
C ARG A 204 26.06 10.11 -27.26
N LEU A 205 26.49 8.85 -27.26
CA LEU A 205 27.42 8.36 -26.27
C LEU A 205 28.27 7.27 -26.91
N ASN A 206 29.59 7.43 -26.84
CA ASN A 206 30.56 6.43 -27.26
C ASN A 206 30.68 5.43 -26.10
N PRO A 207 30.45 4.13 -26.34
CA PRO A 207 30.58 3.11 -25.29
C PRO A 207 31.92 3.11 -24.55
N GLU A 208 32.98 3.50 -25.25
CA GLU A 208 34.31 3.49 -24.67
C GLU A 208 34.51 4.62 -23.67
N ARG A 209 33.63 5.63 -23.68
CA ARG A 209 33.71 6.75 -22.75
C ARG A 209 32.77 6.61 -21.54
N ILE A 210 32.13 5.46 -21.38
CA ILE A 210 31.28 5.24 -20.23
C ILE A 210 32.17 5.03 -19.00
N THR A 211 31.92 5.79 -17.94
CA THR A 211 32.60 5.64 -16.66
C THR A 211 31.57 5.46 -15.55
N GLU A 212 32.04 5.34 -14.30
CA GLU A 212 31.12 5.30 -13.17
C GLU A 212 30.25 6.57 -13.15
N SER A 213 30.81 7.72 -13.48
CA SER A 213 30.05 8.97 -13.49
C SER A 213 28.91 8.95 -14.52
N THR A 214 29.12 8.22 -15.62
CA THR A 214 28.06 8.08 -16.63
C THR A 214 26.83 7.38 -16.02
N ILE A 215 27.07 6.31 -15.27
CA ILE A 215 25.97 5.64 -14.57
C ILE A 215 25.25 6.61 -13.64
N ALA A 216 26.02 7.25 -12.78
CA ALA A 216 25.48 8.24 -11.83
C ALA A 216 24.60 9.29 -12.52
N ARG A 217 25.07 9.78 -13.67
CA ARG A 217 24.38 10.83 -14.42
C ARG A 217 23.06 10.34 -15.04
N HIS A 218 22.90 9.02 -15.17
CA HIS A 218 21.71 8.44 -15.78
C HIS A 218 20.79 7.70 -14.82
N LEU A 219 21.08 7.75 -13.53
CA LEU A 219 20.12 7.31 -12.53
C LEU A 219 18.92 8.24 -12.55
N GLN A 220 17.80 7.75 -12.04
CA GLN A 220 16.52 8.48 -12.10
C GLN A 220 16.64 9.88 -11.55
N ARG A 221 17.27 10.01 -10.38
CA ARG A 221 17.47 11.30 -9.74
C ARG A 221 18.97 11.52 -9.60
N PRO A 222 19.60 12.02 -10.66
CA PRO A 222 21.07 12.09 -10.65
C PRO A 222 21.68 13.06 -9.63
N ASP A 223 20.87 13.93 -9.04
CA ASP A 223 21.36 14.86 -8.02
C ASP A 223 21.50 14.25 -6.62
N ILE A 224 21.04 13.02 -6.42
CA ILE A 224 21.14 12.42 -5.09
C ILE A 224 22.62 12.18 -4.78
N PRO A 225 23.12 12.74 -3.67
CA PRO A 225 24.50 12.45 -3.30
C PRO A 225 24.71 11.06 -2.69
N ASP A 226 25.97 10.66 -2.54
CA ASP A 226 26.29 9.40 -1.84
C ASP A 226 25.59 9.41 -0.47
N VAL A 227 25.12 8.25 -0.03
CA VAL A 227 24.64 8.08 1.31
C VAL A 227 25.84 8.02 2.25
N ASP A 228 25.82 8.87 3.28
CA ASP A 228 26.84 8.85 4.33
C ASP A 228 26.51 7.89 5.45
N LEU A 229 25.29 7.94 5.89
CA LEU A 229 24.82 7.18 7.03
C LEU A 229 23.54 6.44 6.63
N PHE A 230 23.59 5.10 6.79
CA PHE A 230 22.50 4.19 6.44
C PHE A 230 21.99 3.62 7.76
N LEU A 231 20.76 3.97 8.10
CA LEU A 231 20.10 3.52 9.32
C LEU A 231 19.03 2.48 9.03
N ARG A 232 18.94 1.49 9.90
CA ARG A 232 17.82 0.57 9.83
C ARG A 232 17.37 0.24 11.22
N THR A 233 16.05 0.19 11.42
CA THR A 233 15.45 -0.11 12.71
C THR A 233 15.06 -1.59 12.80
N SER A 234 14.57 -2.01 13.96
CA SER A 234 14.06 -3.36 14.23
C SER A 234 15.12 -4.46 14.45
N GLY A 235 16.40 -4.09 14.45
CA GLY A 235 17.48 -5.06 14.73
C GLY A 235 17.95 -5.85 13.52
N GLU A 236 17.41 -5.55 12.34
CA GLU A 236 17.80 -6.21 11.12
C GLU A 236 19.08 -5.57 10.62
N GLN A 237 20.02 -6.40 10.17
CA GLN A 237 21.30 -5.92 9.66
C GLN A 237 21.47 -6.35 8.21
N ARG A 238 20.85 -5.58 7.34
CA ARG A 238 20.93 -5.75 5.90
C ARG A 238 20.51 -4.44 5.27
N SER A 239 20.95 -4.21 4.03
CA SER A 239 20.60 -2.99 3.31
C SER A 239 19.38 -3.22 2.39
N SER A 240 19.10 -4.48 2.09
CA SER A 240 17.89 -4.85 1.34
C SER A 240 17.70 -4.04 0.04
N ASN A 241 18.79 -3.86 -0.71
CA ASN A 241 18.69 -3.32 -2.07
C ASN A 241 18.29 -1.85 -2.03
N PHE A 242 18.45 -1.19 -0.88
CA PHE A 242 18.14 0.23 -0.78
C PHE A 242 19.34 1.13 -1.10
N MET A 243 19.13 2.14 -1.95
CA MET A 243 20.19 3.06 -2.36
C MET A 243 21.46 2.30 -2.75
N LEU A 244 21.32 1.29 -3.61
CA LEU A 244 22.41 0.34 -3.81
C LEU A 244 23.68 1.03 -4.35
N TRP A 245 23.54 1.79 -5.43
CA TRP A 245 24.66 2.51 -6.00
C TRP A 245 25.16 3.56 -5.02
N GLN A 246 24.22 4.30 -4.44
CA GLN A 246 24.55 5.53 -3.69
C GLN A 246 25.17 5.25 -2.32
N ALA A 247 24.89 4.08 -1.75
CA ALA A 247 25.36 3.73 -0.41
C ALA A 247 26.56 2.80 -0.39
N ALA A 248 27.24 2.65 -1.54
CA ALA A 248 28.42 1.78 -1.66
C ALA A 248 29.47 2.01 -0.54
N TYR A 249 29.62 3.27 -0.14
CA TYR A 249 30.59 3.67 0.86
C TYR A 249 29.98 4.13 2.19
N ALA A 250 28.68 3.89 2.38
CA ALA A 250 27.98 4.37 3.57
C ALA A 250 28.45 3.67 4.81
N GLU A 251 28.38 4.38 5.92
CA GLU A 251 28.49 3.76 7.23
C GLU A 251 27.09 3.32 7.66
N TYR A 252 27.01 2.11 8.22
CA TYR A 252 25.75 1.56 8.73
C TYR A 252 25.63 1.68 10.25
N ILE A 253 24.49 2.15 10.72
CA ILE A 253 24.11 2.02 12.13
C ILE A 253 22.76 1.33 12.22
N PHE A 254 22.72 0.25 12.98
CA PHE A 254 21.54 -0.57 13.12
C PHE A 254 20.96 -0.33 14.50
N GLN A 255 19.72 0.12 14.56
CA GLN A 255 19.07 0.42 15.82
C GLN A 255 17.99 -0.62 16.07
N ASP A 256 17.89 -1.08 17.31
CA ASP A 256 17.04 -2.23 17.64
C ASP A 256 15.56 -1.91 17.66
N LYS A 257 15.20 -0.67 17.98
CA LYS A 257 13.79 -0.39 18.21
C LYS A 257 12.98 -0.39 16.92
N LEU A 258 11.68 -0.65 17.06
CA LEU A 258 10.77 -0.81 15.95
C LEU A 258 10.37 0.58 15.50
N TRP A 259 10.10 0.74 14.20
CA TRP A 259 9.86 2.06 13.62
C TRP A 259 8.76 2.83 14.37
N PRO A 260 7.62 2.19 14.68
CA PRO A 260 6.59 2.96 15.40
C PRO A 260 6.99 3.48 16.80
N ASP A 261 8.07 2.95 17.36
CA ASP A 261 8.61 3.44 18.65
C ASP A 261 9.73 4.47 18.48
N TYR A 262 10.10 4.74 17.25
CA TYR A 262 11.24 5.57 16.91
C TYR A 262 10.86 7.05 16.99
N ASP A 263 11.82 7.91 17.29
CA ASP A 263 11.55 9.35 17.28
C ASP A 263 12.81 10.12 16.96
N ARG A 264 12.65 11.43 16.79
CA ARG A 264 13.73 12.24 16.27
C ARG A 264 14.98 12.17 17.15
N ARG A 265 14.80 11.95 18.44
CA ARG A 265 15.95 11.79 19.36
C ARG A 265 16.81 10.59 18.96
N ASP A 266 16.16 9.55 18.43
CA ASP A 266 16.87 8.35 17.96
C ASP A 266 17.68 8.66 16.69
N LEU A 267 17.11 9.46 15.80
CA LEU A 267 17.85 9.93 14.62
C LEU A 267 19.08 10.70 15.07
N TRP A 268 18.89 11.62 16.01
CA TRP A 268 19.98 12.46 16.49
C TRP A 268 21.10 11.64 17.13
N ALA A 269 20.72 10.62 17.90
CA ALA A 269 21.69 9.78 18.58
C ALA A 269 22.58 9.05 17.56
N ALA A 270 21.97 8.55 16.48
CA ALA A 270 22.74 7.89 15.41
C ALA A 270 23.65 8.90 14.69
N CYS A 271 23.14 10.09 14.42
CA CYS A 271 23.94 11.12 13.76
C CYS A 271 25.10 11.61 14.63
N GLU A 272 24.87 11.69 15.95
CA GLU A 272 25.95 12.02 16.89
C GLU A 272 27.06 10.99 16.88
N GLU A 273 26.65 9.72 16.89
CA GLU A 273 27.58 8.61 16.82
C GLU A 273 28.42 8.67 15.56
N TYR A 274 27.74 8.88 14.43
CA TYR A 274 28.41 9.08 13.16
C TYR A 274 29.40 10.25 13.22
N ALA A 275 28.95 11.39 13.75
CA ALA A 275 29.75 12.60 13.78
C ALA A 275 30.95 12.50 14.69
N SER A 276 30.80 11.80 15.82
CA SER A 276 31.83 11.73 16.84
C SER A 276 33.03 10.89 16.44
N ARG A 277 32.79 9.89 15.60
CA ARG A 277 33.80 8.92 15.23
C ARG A 277 34.94 9.58 14.46
N THR A 278 36.18 9.33 14.88
CA THR A 278 37.35 9.71 14.10
C THR A 278 37.15 9.21 12.68
N ARG A 279 37.21 10.09 11.69
CA ARG A 279 36.98 9.68 10.31
C ARG A 279 38.25 9.01 9.76
N ARG A 280 38.10 7.76 9.33
CA ARG A 280 39.25 6.93 8.96
C ARG A 280 39.82 7.34 7.60
N PHE A 281 41.10 7.02 7.40
CA PHE A 281 41.76 7.25 6.11
C PHE A 281 40.88 6.77 4.94
N GLY A 282 40.86 7.56 3.87
CA GLY A 282 40.11 7.21 2.67
C GLY A 282 38.60 7.46 2.78
N SER A 283 38.16 7.99 3.92
CA SER A 283 36.77 8.36 4.11
C SER A 283 36.68 9.89 4.18
N ALA A 284 36.44 10.53 5.23
N PHE B 1 0.36 -14.73 -9.04
CA PHE B 1 -0.26 -13.56 -9.72
C PHE B 1 -1.55 -13.88 -10.47
N PRO B 2 -2.73 -13.85 -9.82
CA PRO B 2 -3.31 -14.85 -8.93
C PRO B 2 -4.34 -15.67 -9.76
N GLN B 3 -4.47 -15.37 -11.06
CA GLN B 3 -5.50 -16.03 -11.89
C GLN B 3 -5.06 -17.43 -12.30
N LEU B 4 -6.02 -18.31 -12.49
CA LEU B 4 -5.72 -19.60 -13.10
C LEU B 4 -5.35 -19.36 -14.57
N PRO B 5 -4.27 -20.01 -15.05
CA PRO B 5 -3.97 -19.92 -16.48
C PRO B 5 -5.13 -20.43 -17.36
N PRO B 6 -5.11 -20.12 -18.67
CA PRO B 6 -6.07 -20.75 -19.59
C PRO B 6 -6.08 -22.27 -19.42
N ALA B 7 -7.27 -22.86 -19.31
CA ALA B 7 -7.41 -24.30 -19.15
C ALA B 7 -7.00 -25.06 -20.41
N PRO B 8 -6.63 -26.34 -20.27
CA PRO B 8 -6.40 -27.11 -21.48
C PRO B 8 -7.65 -27.10 -22.36
N ASP B 9 -7.49 -27.15 -23.68
CA ASP B 9 -8.63 -27.06 -24.59
C ASP B 9 -9.70 -28.12 -24.30
N ASP B 10 -9.28 -29.31 -23.87
CA ASP B 10 -10.21 -30.40 -23.57
C ASP B 10 -10.68 -30.43 -22.10
N TYR B 11 -10.41 -29.38 -21.34
CA TYR B 11 -10.87 -29.35 -19.95
C TYR B 11 -12.38 -29.14 -19.97
N PRO B 12 -13.12 -29.84 -19.08
CA PRO B 12 -14.58 -29.71 -19.09
C PRO B 12 -15.07 -28.26 -19.06
N THR B 13 -16.20 -28.02 -19.75
CA THR B 13 -16.78 -26.68 -19.83
C THR B 13 -18.10 -26.61 -19.05
N PHE B 14 -18.60 -25.38 -18.87
CA PHE B 14 -19.82 -25.13 -18.13
C PHE B 14 -20.28 -23.71 -18.46
N PRO B 15 -21.61 -23.45 -18.47
CA PRO B 15 -22.77 -24.34 -18.36
C PRO B 15 -23.30 -24.82 -19.70
N ASP B 16 -23.70 -26.10 -19.75
CA ASP B 16 -24.48 -26.64 -20.85
C ASP B 16 -25.95 -26.53 -20.49
N THR B 17 -26.64 -25.57 -21.09
CA THR B 17 -28.04 -25.28 -20.75
C THR B 17 -29.04 -26.10 -21.54
N SER B 18 -28.59 -27.15 -22.22
CA SER B 18 -29.48 -28.01 -22.99
C SER B 18 -30.31 -28.94 -22.09
N THR B 19 -29.95 -29.02 -20.81
CA THR B 19 -30.75 -29.75 -19.83
C THR B 19 -31.05 -28.83 -18.67
N TRP B 20 -32.05 -29.17 -17.88
CA TRP B 20 -32.30 -28.50 -16.60
C TRP B 20 -32.65 -29.55 -15.53
N PRO B 21 -32.00 -29.50 -14.35
CA PRO B 21 -30.89 -28.61 -14.03
C PRO B 21 -29.68 -28.89 -14.92
N VAL B 22 -28.77 -27.94 -15.03
CA VAL B 22 -27.57 -28.15 -15.81
C VAL B 22 -26.70 -29.17 -15.11
N VAL B 23 -26.09 -30.04 -15.90
CA VAL B 23 -25.13 -31.01 -15.36
C VAL B 23 -23.86 -30.25 -15.03
N PHE B 24 -23.34 -30.45 -13.83
CA PHE B 24 -21.98 -30.02 -13.54
C PHE B 24 -21.05 -31.17 -13.91
N PRO B 25 -20.06 -30.90 -14.80
CA PRO B 25 -19.25 -32.01 -15.30
C PRO B 25 -18.31 -32.59 -14.24
N GLU B 26 -18.00 -33.87 -14.40
CA GLU B 26 -16.98 -34.50 -13.57
C GLU B 26 -15.62 -33.92 -13.94
N LEU B 27 -14.81 -33.62 -12.94
CA LEU B 27 -13.52 -32.97 -13.14
C LEU B 27 -12.39 -33.95 -12.83
N PRO B 28 -11.29 -33.88 -13.60
CA PRO B 28 -10.18 -34.78 -13.32
C PRO B 28 -9.51 -34.49 -11.98
N ALA B 29 -8.88 -35.49 -11.38
CA ALA B 29 -8.11 -35.31 -10.15
C ALA B 29 -6.81 -34.58 -10.49
N ALA B 30 -6.96 -33.41 -11.10
CA ALA B 30 -5.85 -32.69 -11.71
C ALA B 30 -5.12 -31.86 -10.64
N PRO B 31 -4.08 -31.09 -11.07
CA PRO B 31 -2.72 -31.02 -10.50
C PRO B 31 -2.52 -31.73 -9.15
N TYR B 32 -3.28 -32.82 -8.93
CA TYR B 32 -3.57 -33.35 -7.60
C TYR B 32 -3.36 -32.32 -6.48
N GLY B 33 -3.81 -31.09 -6.72
CA GLY B 33 -3.54 -29.96 -5.85
C GLY B 33 -4.76 -29.57 -5.06
N GLY B 34 -5.24 -30.49 -4.22
CA GLY B 34 -6.42 -30.25 -3.39
C GLY B 34 -7.66 -29.93 -4.23
N PRO B 35 -8.21 -28.70 -4.11
CA PRO B 35 -9.43 -28.35 -4.84
C PRO B 35 -9.31 -28.53 -6.35
N CYS B 36 -10.41 -28.95 -7.00
CA CYS B 36 -10.42 -29.10 -8.44
C CYS B 36 -10.39 -27.74 -9.12
N ARG B 37 -9.73 -27.67 -10.26
CA ARG B 37 -9.85 -26.53 -11.13
C ARG B 37 -11.28 -26.50 -11.67
N PRO B 38 -11.96 -25.34 -11.55
CA PRO B 38 -13.34 -25.31 -12.03
C PRO B 38 -13.43 -25.52 -13.54
N PRO B 39 -14.60 -25.96 -14.04
CA PRO B 39 -14.71 -26.09 -15.50
C PRO B 39 -14.55 -24.70 -16.12
N GLN B 40 -13.97 -24.64 -17.32
CA GLN B 40 -13.87 -23.37 -18.04
C GLN B 40 -15.21 -23.00 -18.64
N HIS B 41 -15.36 -21.75 -19.04
CA HIS B 41 -16.60 -21.33 -19.69
C HIS B 41 -16.78 -22.09 -21.01
N THR B 42 -18.04 -22.26 -21.40
CA THR B 42 -18.41 -22.79 -22.70
C THR B 42 -17.61 -22.14 -23.84
N SER B 43 -17.34 -20.84 -23.75
CA SER B 43 -16.54 -20.13 -24.77
C SER B 43 -15.04 -20.40 -24.70
N LYS B 44 -14.59 -21.06 -23.62
CA LYS B 44 -13.16 -21.32 -23.36
C LYS B 44 -12.31 -20.03 -23.21
N ALA B 45 -12.96 -18.91 -22.89
CA ALA B 45 -12.26 -17.69 -22.55
C ALA B 45 -11.51 -17.88 -21.23
N ALA B 46 -10.42 -17.14 -21.06
CA ALA B 46 -9.61 -17.21 -19.84
C ALA B 46 -9.68 -15.89 -19.09
N ALA B 47 -9.58 -15.95 -17.77
CA ALA B 47 -9.70 -14.75 -16.94
C ALA B 47 -8.60 -13.74 -17.27
N PRO B 48 -8.95 -12.44 -17.26
CA PRO B 48 -7.95 -11.42 -17.58
C PRO B 48 -6.86 -11.35 -16.52
N ARG B 49 -5.66 -10.98 -16.93
CA ARG B 49 -4.55 -10.80 -15.98
C ARG B 49 -4.70 -9.47 -15.27
N ILE B 50 -5.07 -9.55 -14.00
CA ILE B 50 -5.17 -8.40 -13.11
C ILE B 50 -4.35 -8.69 -11.85
N PRO B 51 -3.43 -7.76 -11.49
CA PRO B 51 -2.64 -7.91 -10.25
C PRO B 51 -3.51 -8.10 -9.02
N ALA B 52 -3.07 -8.96 -8.10
CA ALA B 52 -3.85 -9.31 -6.91
C ALA B 52 -4.26 -8.09 -6.08
N ASP B 53 -3.37 -7.10 -6.02
CA ASP B 53 -3.62 -5.86 -5.27
C ASP B 53 -4.58 -4.90 -5.98
N ARG B 54 -4.89 -5.18 -7.25
CA ARG B 54 -5.88 -4.42 -8.04
C ARG B 54 -7.27 -5.04 -8.12
N LEU B 55 -7.37 -6.33 -7.81
CA LEU B 55 -8.66 -7.00 -7.75
C LEU B 55 -9.53 -6.45 -6.62
N PRO B 56 -10.85 -6.55 -6.79
CA PRO B 56 -11.71 -6.37 -5.64
C PRO B 56 -11.55 -7.59 -4.74
N ASN B 57 -11.42 -7.35 -3.44
CA ASN B 57 -11.37 -8.43 -2.45
C ASN B 57 -12.76 -9.07 -2.28
N HIS B 58 -13.80 -8.23 -2.34
CA HIS B 58 -15.16 -8.63 -2.06
C HIS B 58 -16.06 -8.00 -3.11
N VAL B 59 -16.67 -8.86 -3.91
CA VAL B 59 -17.66 -8.47 -4.91
C VAL B 59 -19.04 -8.89 -4.39
N ALA B 60 -19.98 -7.95 -4.43
CA ALA B 60 -21.37 -8.22 -4.05
C ALA B 60 -22.22 -8.12 -5.32
N ILE B 61 -23.10 -9.08 -5.53
CA ILE B 61 -23.93 -9.08 -6.73
C ILE B 61 -25.43 -9.19 -6.42
N VAL B 62 -26.19 -8.24 -6.97
CA VAL B 62 -27.64 -8.31 -7.01
C VAL B 62 -28.07 -8.91 -8.35
N MET B 63 -28.57 -10.14 -8.27
CA MET B 63 -28.83 -10.98 -9.44
C MET B 63 -30.21 -10.68 -9.98
N ASP B 64 -30.30 -9.61 -10.75
CA ASP B 64 -31.59 -9.04 -11.10
C ASP B 64 -31.99 -9.34 -12.55
N GLY B 65 -33.29 -9.44 -12.80
CA GLY B 65 -33.83 -9.60 -14.16
C GLY B 65 -34.27 -10.99 -14.54
N ASN B 66 -34.28 -11.93 -13.59
CA ASN B 66 -34.76 -13.30 -13.85
C ASN B 66 -36.21 -13.31 -14.34
N GLY B 67 -37.09 -12.62 -13.62
CA GLY B 67 -38.51 -12.58 -13.98
C GLY B 67 -38.75 -11.90 -15.31
N ARG B 68 -38.09 -10.77 -15.53
CA ARG B 68 -38.21 -10.03 -16.80
C ARG B 68 -37.85 -10.89 -18.01
N TRP B 69 -36.71 -11.55 -17.91
CA TRP B 69 -36.20 -12.48 -18.94
C TRP B 69 -37.28 -13.51 -19.33
N ALA B 70 -37.89 -14.12 -18.32
CA ALA B 70 -38.97 -15.07 -18.49
C ALA B 70 -40.17 -14.42 -19.18
N THR B 71 -40.60 -13.27 -18.67
CA THR B 71 -41.76 -12.54 -19.22
C THR B 71 -41.59 -12.15 -20.69
N GLN B 72 -40.41 -11.68 -21.04
CA GLN B 72 -40.06 -11.35 -22.42
C GLN B 72 -40.20 -12.54 -23.37
N ARG B 73 -40.21 -13.75 -22.82
CA ARG B 73 -40.35 -14.98 -23.62
C ARG B 73 -41.70 -15.66 -23.44
N GLY B 74 -42.60 -15.02 -22.69
CA GLY B 74 -43.94 -15.57 -22.47
C GLY B 74 -43.97 -16.68 -21.45
N LEU B 75 -42.95 -16.74 -20.59
CA LEU B 75 -42.82 -17.80 -19.60
C LEU B 75 -43.08 -17.25 -18.21
N ALA B 76 -43.50 -18.13 -17.30
CA ALA B 76 -43.67 -17.74 -15.90
C ALA B 76 -42.35 -17.25 -15.34
N ARG B 77 -42.44 -16.31 -14.40
CA ARG B 77 -41.26 -15.68 -13.83
C ARG B 77 -40.32 -16.70 -13.23
N THR B 78 -40.88 -17.72 -12.59
CA THR B 78 -40.08 -18.75 -11.94
C THR B 78 -39.19 -19.51 -12.92
N GLU B 79 -39.57 -19.55 -14.19
CA GLU B 79 -38.68 -20.13 -15.23
C GLU B 79 -37.37 -19.34 -15.40
N GLY B 80 -37.43 -18.02 -15.29
CA GLY B 80 -36.23 -17.22 -15.33
C GLY B 80 -35.32 -17.53 -14.15
N HIS B 81 -35.91 -17.72 -12.98
CA HIS B 81 -35.13 -18.02 -11.78
C HIS B 81 -34.39 -19.35 -11.95
N LYS B 82 -35.07 -20.35 -12.52
CA LYS B 82 -34.45 -21.63 -12.83
C LYS B 82 -33.16 -21.47 -13.64
N MET B 83 -33.20 -20.56 -14.62
CA MET B 83 -32.05 -20.30 -15.48
C MET B 83 -30.91 -19.54 -14.78
N GLY B 84 -31.25 -18.84 -13.70
CA GLY B 84 -30.27 -18.13 -12.89
C GLY B 84 -29.34 -19.03 -12.10
N GLU B 85 -29.77 -20.26 -11.82
CA GLU B 85 -28.94 -21.21 -11.07
C GLU B 85 -27.60 -21.45 -11.77
N ALA B 86 -27.65 -21.74 -13.06
CA ALA B 86 -26.41 -22.00 -13.82
C ALA B 86 -25.46 -20.80 -13.80
N VAL B 87 -26.04 -19.60 -13.87
CA VAL B 87 -25.26 -18.36 -13.88
C VAL B 87 -24.53 -18.18 -12.57
N VAL B 88 -25.22 -18.42 -11.45
CA VAL B 88 -24.58 -18.42 -10.13
C VAL B 88 -23.35 -19.32 -10.12
N ILE B 89 -23.48 -20.55 -10.59
CA ILE B 89 -22.35 -21.49 -10.56
C ILE B 89 -21.26 -21.09 -11.55
N ASP B 90 -21.66 -20.57 -12.70
CA ASP B 90 -20.71 -20.05 -13.68
C ASP B 90 -19.90 -18.91 -13.08
N ILE B 91 -20.58 -18.04 -12.35
CA ILE B 91 -19.94 -16.90 -11.71
C ILE B 91 -19.03 -17.34 -10.57
N ALA B 92 -19.44 -18.36 -9.84
CA ALA B 92 -18.56 -18.95 -8.84
C ALA B 92 -17.27 -19.48 -9.49
N CYS B 93 -17.41 -20.21 -10.59
CA CYS B 93 -16.25 -20.70 -11.34
C CYS B 93 -15.37 -19.56 -11.85
N GLY B 94 -15.98 -18.54 -12.42
CA GLY B 94 -15.27 -17.38 -12.93
C GLY B 94 -14.53 -16.58 -11.87
N ALA B 95 -15.16 -16.46 -10.69
CA ALA B 95 -14.55 -15.75 -9.56
C ALA B 95 -13.30 -16.50 -9.08
N ILE B 96 -13.37 -17.82 -9.13
CA ILE B 96 -12.20 -18.63 -8.78
C ILE B 96 -11.06 -18.48 -9.80
N GLU B 97 -11.38 -18.54 -11.08
CA GLU B 97 -10.38 -18.33 -12.13
C GLU B 97 -9.75 -16.93 -12.05
N LEU B 98 -10.52 -15.95 -11.62
CA LEU B 98 -10.04 -14.55 -11.52
C LEU B 98 -9.20 -14.31 -10.26
N GLY B 99 -9.48 -15.05 -9.19
CA GLY B 99 -8.76 -14.91 -7.93
C GLY B 99 -9.51 -14.12 -6.86
N ILE B 100 -10.82 -13.93 -7.06
CA ILE B 100 -11.66 -13.22 -6.08
C ILE B 100 -11.81 -14.04 -4.81
N LYS B 101 -11.69 -13.38 -3.65
CA LYS B 101 -11.67 -14.08 -2.38
C LYS B 101 -13.03 -14.11 -1.70
N TRP B 102 -13.85 -13.09 -1.94
CA TRP B 102 -15.17 -12.96 -1.32
C TRP B 102 -16.24 -12.61 -2.33
N LEU B 103 -17.36 -13.32 -2.27
CA LEU B 103 -18.48 -13.09 -3.17
C LEU B 103 -19.79 -13.18 -2.37
N SER B 104 -20.58 -12.12 -2.42
CA SER B 104 -21.89 -12.10 -1.76
C SER B 104 -22.98 -12.03 -2.82
N LEU B 105 -23.95 -12.94 -2.72
CA LEU B 105 -25.03 -13.05 -3.67
C LEU B 105 -26.37 -12.81 -2.98
N TYR B 106 -27.15 -11.86 -3.49
CA TYR B 106 -28.44 -11.51 -2.94
C TYR B 106 -29.52 -12.45 -3.47
N ALA B 107 -29.74 -13.58 -2.81
CA ALA B 107 -30.68 -14.58 -3.30
C ALA B 107 -32.12 -14.24 -3.00
N PHE B 108 -32.38 -13.65 -1.83
CA PHE B 108 -33.74 -13.27 -1.43
C PHE B 108 -33.68 -12.19 -0.36
N SER B 109 -34.37 -11.06 -0.58
CA SER B 109 -34.37 -9.97 0.41
C SER B 109 -35.52 -10.04 1.42
N THR B 110 -35.33 -9.39 2.57
CA THR B 110 -36.38 -9.23 3.56
C THR B 110 -37.59 -8.48 2.98
N GLU B 111 -37.44 -7.87 1.82
CA GLU B 111 -38.52 -7.12 1.17
C GLU B 111 -39.28 -7.96 0.12
N ASN B 112 -38.69 -9.09 -0.31
CA ASN B 112 -39.29 -9.97 -1.35
C ASN B 112 -40.53 -10.75 -0.90
N TRP B 113 -40.84 -10.72 0.40
CA TRP B 113 -42.10 -11.24 0.92
C TRP B 113 -43.31 -10.48 0.35
N LYS B 114 -43.07 -9.29 -0.21
CA LYS B 114 -44.11 -8.53 -0.91
C LYS B 114 -44.55 -9.22 -2.20
N ARG B 115 -43.74 -10.14 -2.72
CA ARG B 115 -44.11 -10.85 -3.96
C ARG B 115 -45.25 -11.82 -3.69
N SER B 116 -45.82 -12.36 -4.77
CA SER B 116 -46.95 -13.27 -4.64
C SER B 116 -46.57 -14.50 -3.83
N PRO B 117 -47.53 -15.07 -3.09
CA PRO B 117 -47.29 -16.33 -2.37
C PRO B 117 -46.65 -17.41 -3.24
N GLU B 118 -47.14 -17.53 -4.46
CA GLU B 118 -46.66 -18.54 -5.42
C GLU B 118 -45.17 -18.37 -5.72
N GLU B 119 -44.76 -17.12 -5.98
CA GLU B 119 -43.36 -16.82 -6.25
C GLU B 119 -42.51 -16.98 -5.00
N VAL B 120 -43.02 -16.54 -3.86
CA VAL B 120 -42.27 -16.67 -2.63
C VAL B 120 -42.06 -18.14 -2.30
N ARG B 121 -43.13 -18.92 -2.37
CA ARG B 121 -43.05 -20.36 -2.15
C ARG B 121 -42.00 -20.99 -3.09
N PHE B 122 -42.10 -20.69 -4.38
CA PHE B 122 -41.12 -21.19 -5.34
C PHE B 122 -39.70 -20.87 -4.92
N LEU B 123 -39.43 -19.60 -4.62
CA LEU B 123 -38.07 -19.14 -4.33
C LEU B 123 -37.49 -19.78 -3.06
N MET B 124 -38.34 -20.03 -2.07
CA MET B 124 -37.88 -20.69 -0.85
C MET B 124 -37.44 -22.13 -1.19
N GLY B 125 -38.31 -22.86 -1.86
CA GLY B 125 -38.04 -24.27 -2.22
C GLY B 125 -36.88 -24.37 -3.17
N PHE B 126 -36.81 -23.41 -4.09
CA PHE B 126 -35.80 -23.44 -5.12
C PHE B 126 -34.42 -23.22 -4.50
N ASN B 127 -34.33 -22.23 -3.63
CA ASN B 127 -33.10 -21.93 -2.93
C ASN B 127 -32.62 -23.10 -2.06
N ARG B 128 -33.54 -23.72 -1.34
CA ARG B 128 -33.27 -24.97 -0.62
C ARG B 128 -32.67 -26.00 -1.59
N ASP B 129 -33.31 -26.16 -2.74
CA ASP B 129 -32.90 -27.21 -3.68
C ASP B 129 -31.54 -26.91 -4.29
N VAL B 130 -31.30 -25.66 -4.68
CA VAL B 130 -30.03 -25.27 -5.29
C VAL B 130 -28.86 -25.58 -4.36
N VAL B 131 -29.02 -25.27 -3.07
CA VAL B 131 -27.97 -25.52 -2.07
C VAL B 131 -27.65 -27.03 -1.94
N ARG B 132 -28.69 -27.86 -1.80
CA ARG B 132 -28.52 -29.32 -1.75
C ARG B 132 -27.86 -29.83 -3.02
N ARG B 133 -28.27 -29.30 -4.15
CA ARG B 133 -27.84 -29.76 -5.46
C ARG B 133 -26.39 -29.38 -5.73
N ARG B 134 -25.95 -28.25 -5.17
CA ARG B 134 -24.66 -27.66 -5.52
C ARG B 134 -23.58 -27.71 -4.45
N ARG B 135 -23.92 -28.02 -3.21
CA ARG B 135 -22.92 -27.92 -2.14
C ARG B 135 -21.73 -28.90 -2.29
N ASP B 136 -21.96 -30.07 -2.86
CA ASP B 136 -20.88 -31.04 -3.02
C ASP B 136 -19.84 -30.54 -4.03
N THR B 137 -20.31 -30.04 -5.17
CA THR B 137 -19.44 -29.42 -6.17
C THR B 137 -18.68 -28.21 -5.58
N LEU B 138 -19.41 -27.38 -4.83
CA LEU B 138 -18.81 -26.21 -4.21
C LEU B 138 -17.72 -26.62 -3.22
N LYS B 139 -17.95 -27.66 -2.42
CA LYS B 139 -16.92 -28.16 -1.49
C LYS B 139 -15.66 -28.58 -2.26
N LYS B 140 -15.84 -29.40 -3.31
CA LYS B 140 -14.72 -29.85 -4.14
C LYS B 140 -13.96 -28.72 -4.84
N LEU B 141 -14.61 -27.59 -5.12
CA LEU B 141 -13.92 -26.45 -5.73
C LEU B 141 -13.18 -25.56 -4.71
N GLY B 142 -13.28 -25.90 -3.42
CA GLY B 142 -12.62 -25.12 -2.36
C GLY B 142 -13.42 -23.89 -1.94
N VAL B 143 -14.72 -23.90 -2.27
CA VAL B 143 -15.65 -22.84 -1.86
C VAL B 143 -16.10 -23.05 -0.42
N ARG B 144 -16.00 -22.00 0.38
CA ARG B 144 -16.60 -21.96 1.70
C ARG B 144 -17.87 -21.15 1.52
N ILE B 145 -19.01 -21.80 1.72
CA ILE B 145 -20.31 -21.16 1.54
C ILE B 145 -21.11 -21.23 2.85
N ARG B 146 -21.93 -20.21 3.07
CA ARG B 146 -22.77 -20.14 4.25
C ARG B 146 -23.87 -19.09 4.08
N TRP B 147 -24.90 -19.25 4.91
CA TRP B 147 -26.05 -18.38 4.91
C TRP B 147 -25.74 -17.03 5.58
N VAL B 148 -26.23 -15.95 4.97
CA VAL B 148 -26.33 -14.68 5.63
C VAL B 148 -27.78 -14.21 5.47
N GLY B 149 -28.42 -13.90 6.58
CA GLY B 149 -29.78 -13.41 6.54
C GLY B 149 -30.41 -13.44 7.89
N SER B 150 -31.72 -13.23 7.90
CA SER B 150 -32.47 -13.15 9.13
C SER B 150 -33.51 -14.27 9.20
N ARG B 151 -33.88 -14.66 10.41
CA ARG B 151 -34.65 -15.86 10.66
C ARG B 151 -36.14 -15.75 10.43
N PRO B 152 -36.79 -14.67 10.92
CA PRO B 152 -38.25 -14.67 10.82
C PRO B 152 -38.78 -14.84 9.39
N ARG B 153 -39.74 -15.75 9.25
CA ARG B 153 -40.39 -16.16 7.98
C ARG B 153 -39.56 -17.09 7.09
N LEU B 154 -38.23 -17.04 7.20
CA LEU B 154 -37.38 -17.86 6.35
C LEU B 154 -37.66 -19.35 6.61
N TRP B 155 -37.80 -20.12 5.54
CA TRP B 155 -38.10 -21.54 5.68
C TRP B 155 -36.98 -22.28 6.40
N ARG B 156 -37.33 -23.08 7.41
CA ARG B 156 -36.32 -23.84 8.14
C ARG B 156 -35.50 -24.74 7.20
N SER B 157 -36.16 -25.36 6.22
CA SER B 157 -35.46 -26.18 5.23
C SER B 157 -34.30 -25.44 4.54
N VAL B 158 -34.46 -24.15 4.28
CA VAL B 158 -33.40 -23.37 3.62
C VAL B 158 -32.21 -23.18 4.55
N ILE B 159 -32.49 -22.81 5.80
CA ILE B 159 -31.45 -22.59 6.80
C ILE B 159 -30.71 -23.91 7.05
N ASN B 160 -31.45 -25.00 7.10
CA ASN B 160 -30.86 -26.34 7.33
C ASN B 160 -29.91 -26.78 6.23
N GLU B 161 -30.34 -26.67 4.97
CA GLU B 161 -29.47 -27.05 3.85
C GLU B 161 -28.20 -26.19 3.84
N LEU B 162 -28.35 -24.91 4.14
CA LEU B 162 -27.19 -24.03 4.23
C LEU B 162 -26.31 -24.36 5.44
N ALA B 163 -26.91 -24.82 6.54
CA ALA B 163 -26.13 -25.23 7.73
C ALA B 163 -25.24 -26.43 7.43
N VAL B 164 -25.77 -27.39 6.68
CA VAL B 164 -25.00 -28.55 6.24
C VAL B 164 -23.86 -28.09 5.32
N ALA B 165 -24.19 -27.28 4.31
CA ALA B 165 -23.20 -26.70 3.40
C ALA B 165 -22.07 -25.98 4.14
N GLU B 166 -22.45 -25.19 5.15
CA GLU B 166 -21.49 -24.44 5.95
C GLU B 166 -20.55 -25.38 6.72
N GLU B 167 -21.13 -26.38 7.38
CA GLU B 167 -20.34 -27.37 8.11
C GLU B 167 -19.39 -28.12 7.17
N MET B 168 -19.89 -28.46 5.98
CA MET B 168 -19.12 -29.20 4.98
C MET B 168 -17.91 -28.45 4.44
N THR B 169 -18.03 -27.12 4.35
CA THR B 169 -17.10 -26.29 3.61
C THR B 169 -16.33 -25.34 4.52
N LYS B 170 -16.46 -25.53 5.83
CA LYS B 170 -15.93 -24.56 6.82
C LYS B 170 -14.40 -24.36 6.78
N SER B 171 -13.65 -25.36 6.37
CA SER B 171 -12.19 -25.21 6.30
C SER B 171 -11.69 -25.00 4.86
N ASN B 172 -12.61 -24.73 3.93
CA ASN B 172 -12.23 -24.39 2.56
C ASN B 172 -11.78 -22.94 2.52
N ASP B 173 -10.88 -22.61 1.59
CA ASP B 173 -10.30 -21.25 1.57
C ASP B 173 -9.98 -20.67 0.19
N VAL B 174 -10.48 -21.26 -0.89
CA VAL B 174 -10.28 -20.69 -2.21
C VAL B 174 -11.09 -19.40 -2.39
N ILE B 175 -12.35 -19.46 -1.95
CA ILE B 175 -13.26 -18.33 -2.04
C ILE B 175 -14.37 -18.53 -1.03
N THR B 176 -14.88 -17.44 -0.48
CA THR B 176 -16.04 -17.50 0.39
C THR B 176 -17.23 -16.91 -0.29
N ILE B 177 -18.33 -17.64 -0.27
CA ILE B 177 -19.58 -17.16 -0.80
C ILE B 177 -20.59 -16.96 0.34
N ASN B 178 -21.03 -15.73 0.49
CA ASN B 178 -22.13 -15.36 1.37
C ASN B 178 -23.41 -15.52 0.58
N TYR B 179 -24.20 -16.52 0.94
CA TYR B 179 -25.43 -16.83 0.22
C TYR B 179 -26.55 -16.21 1.01
N CYS B 180 -27.03 -15.07 0.52
CA CYS B 180 -27.84 -14.16 1.32
C CYS B 180 -29.30 -14.40 1.03
N VAL B 181 -30.00 -14.96 2.01
CA VAL B 181 -31.41 -15.35 1.84
C VAL B 181 -32.19 -14.79 3.02
N ASN B 182 -33.29 -14.09 2.72
CA ASN B 182 -33.99 -13.28 3.71
C ASN B 182 -33.02 -12.30 4.38
N TYR B 183 -32.22 -11.66 3.52
CA TYR B 183 -31.22 -10.69 3.94
C TYR B 183 -31.81 -9.27 3.80
N GLY B 184 -31.54 -8.42 4.79
CA GLY B 184 -31.85 -6.99 4.67
C GLY B 184 -30.85 -6.23 5.52
N GLY B 185 -30.18 -5.26 4.90
CA GLY B 185 -29.14 -4.51 5.59
C GLY B 185 -29.59 -3.79 6.84
N ARG B 186 -30.71 -3.09 6.77
CA ARG B 186 -31.28 -2.42 7.94
C ARG B 186 -31.60 -3.43 9.04
N THR B 187 -32.12 -4.58 8.67
CA THR B 187 -32.49 -5.60 9.66
C THR B 187 -31.27 -6.21 10.33
N GLU B 188 -30.23 -6.43 9.53
CA GLU B 188 -28.96 -6.94 10.01
C GLU B 188 -28.32 -5.97 11.02
N ILE B 189 -28.41 -4.68 10.74
CA ILE B 189 -27.88 -3.67 11.67
C ILE B 189 -28.69 -3.67 12.96
N THR B 190 -30.00 -3.79 12.79
CA THR B 190 -30.91 -3.82 13.93
C THR B 190 -30.63 -5.03 14.83
N GLU B 191 -30.38 -6.19 14.21
CA GLU B 191 -30.09 -7.40 14.98
C GLU B 191 -28.76 -7.21 15.73
N ALA B 192 -27.78 -6.55 15.10
CA ALA B 192 -26.52 -6.20 15.77
C ALA B 192 -26.74 -5.31 16.99
N THR B 193 -27.60 -4.31 16.83
CA THR B 193 -27.95 -3.41 17.93
C THR B 193 -28.59 -4.19 19.09
N ARG B 194 -29.49 -5.11 18.75
CA ARG B 194 -30.12 -5.98 19.74
C ARG B 194 -29.11 -6.82 20.53
N GLU B 195 -28.15 -7.43 19.82
CA GLU B 195 -27.08 -8.20 20.48
CA GLU B 195 -27.09 -8.19 20.49
C GLU B 195 -26.32 -7.31 21.47
N ILE B 196 -25.92 -6.12 21.01
CA ILE B 196 -25.21 -5.15 21.85
C ILE B 196 -26.05 -4.77 23.06
N ALA B 197 -27.34 -4.55 22.84
CA ALA B 197 -28.27 -4.19 23.91
C ALA B 197 -28.41 -5.30 24.96
N ARG B 198 -28.37 -6.56 24.53
CA ARG B 198 -28.43 -7.69 25.46
C ARG B 198 -27.14 -7.78 26.29
N GLU B 199 -26.01 -7.53 25.64
CA GLU B 199 -24.72 -7.42 26.33
C GLU B 199 -24.76 -6.37 27.41
N VAL B 200 -25.34 -5.23 27.09
CA VAL B 200 -25.41 -4.10 28.02
C VAL B 200 -26.32 -4.42 29.21
N ALA B 201 -27.48 -5.03 28.94
CA ALA B 201 -28.42 -5.40 30.00
C ALA B 201 -27.84 -6.47 30.93
N ALA B 202 -27.05 -7.38 30.37
CA ALA B 202 -26.32 -8.37 31.15
C ALA B 202 -25.17 -7.75 31.94
N GLY B 203 -24.85 -6.50 31.64
CA GLY B 203 -23.84 -5.76 32.39
C GLY B 203 -22.44 -6.09 31.91
N ARG B 204 -22.36 -6.62 30.69
CA ARG B 204 -21.10 -7.09 30.11
C ARG B 204 -20.54 -6.14 29.05
N LEU B 205 -21.15 -4.95 28.93
CA LEU B 205 -20.71 -3.96 27.95
C LEU B 205 -21.12 -2.55 28.39
N ASN B 206 -20.13 -1.67 28.50
CA ASN B 206 -20.36 -0.27 28.83
C ASN B 206 -20.79 0.48 27.56
N PRO B 207 -22.01 1.07 27.56
CA PRO B 207 -22.50 1.80 26.39
C PRO B 207 -21.49 2.84 25.86
N GLU B 208 -20.73 3.44 26.77
CA GLU B 208 -19.72 4.44 26.38
C GLU B 208 -18.54 3.86 25.59
N ARG B 209 -18.36 2.54 25.64
CA ARG B 209 -17.29 1.89 24.87
C ARG B 209 -17.71 1.46 23.46
N ILE B 210 -18.98 1.65 23.11
CA ILE B 210 -19.48 1.23 21.79
C ILE B 210 -18.85 2.10 20.69
N THR B 211 -18.29 1.45 19.67
CA THR B 211 -17.71 2.14 18.51
C THR B 211 -18.27 1.51 17.24
N GLU B 212 -17.81 1.99 16.08
CA GLU B 212 -18.18 1.36 14.82
C GLU B 212 -17.78 -0.10 14.77
N SER B 213 -16.61 -0.41 15.36
CA SER B 213 -16.13 -1.79 15.37
C SER B 213 -17.01 -2.70 16.25
N THR B 214 -17.63 -2.13 17.28
CA THR B 214 -18.59 -2.88 18.09
C THR B 214 -19.78 -3.38 17.25
N ILE B 215 -20.32 -2.51 16.40
CA ILE B 215 -21.38 -2.90 15.46
C ILE B 215 -20.85 -4.00 14.55
N ALA B 216 -19.70 -3.76 13.93
CA ALA B 216 -19.09 -4.73 13.01
C ALA B 216 -18.90 -6.11 13.66
N ARG B 217 -18.42 -6.13 14.90
CA ARG B 217 -18.21 -7.37 15.65
C ARG B 217 -19.51 -8.12 15.97
N HIS B 218 -20.64 -7.41 16.00
CA HIS B 218 -21.92 -8.01 16.37
C HIS B 218 -22.88 -8.26 15.21
N LEU B 219 -22.44 -8.02 13.98
CA LEU B 219 -23.19 -8.44 12.79
C LEU B 219 -23.17 -9.98 12.74
N GLN B 220 -24.15 -10.54 12.05
CA GLN B 220 -24.35 -12.00 12.02
C GLN B 220 -23.08 -12.74 11.61
N ARG B 221 -22.43 -12.25 10.58
CA ARG B 221 -21.18 -12.83 10.07
C ARG B 221 -20.09 -11.74 10.13
N PRO B 222 -19.46 -11.55 11.30
CA PRO B 222 -18.51 -10.46 11.49
C PRO B 222 -17.20 -10.57 10.69
N ASP B 223 -16.93 -11.73 10.08
CA ASP B 223 -15.73 -11.89 9.24
C ASP B 223 -15.87 -11.35 7.82
N ILE B 224 -17.07 -10.93 7.43
CA ILE B 224 -17.28 -10.40 6.07
C ILE B 224 -16.59 -9.05 5.93
N PRO B 225 -15.61 -8.92 5.00
CA PRO B 225 -14.95 -7.63 4.90
C PRO B 225 -15.79 -6.65 4.09
N ASP B 226 -15.36 -5.39 4.04
CA ASP B 226 -16.08 -4.40 3.23
C ASP B 226 -16.25 -4.88 1.78
N VAL B 227 -17.34 -4.43 1.16
CA VAL B 227 -17.57 -4.66 -0.24
C VAL B 227 -16.77 -3.63 -1.03
N ASP B 228 -15.97 -4.12 -1.97
CA ASP B 228 -15.18 -3.25 -2.83
C ASP B 228 -15.94 -2.88 -4.07
N LEU B 229 -16.62 -3.89 -4.63
CA LEU B 229 -17.26 -3.76 -5.92
C LEU B 229 -18.67 -4.32 -5.80
N PHE B 230 -19.65 -3.47 -6.07
CA PHE B 230 -21.07 -3.81 -5.96
C PHE B 230 -21.63 -3.82 -7.37
N LEU B 231 -22.07 -4.98 -7.83
CA LEU B 231 -22.62 -5.18 -9.18
C LEU B 231 -24.12 -5.42 -9.14
N ARG B 232 -24.82 -4.84 -10.09
CA ARG B 232 -26.22 -5.15 -10.30
C ARG B 232 -26.54 -5.27 -11.78
N THR B 233 -27.39 -6.24 -12.12
CA THR B 233 -27.80 -6.51 -13.49
C THR B 233 -29.16 -5.89 -13.81
N SER B 234 -29.57 -6.03 -15.08
CA SER B 234 -30.86 -5.59 -15.61
C SER B 234 -30.99 -4.08 -15.77
N GLY B 235 -29.91 -3.33 -15.54
CA GLY B 235 -29.93 -1.89 -15.70
C GLY B 235 -30.47 -1.09 -14.51
N GLU B 236 -30.80 -1.77 -13.41
CA GLU B 236 -31.27 -1.09 -12.21
C GLU B 236 -30.09 -0.46 -11.49
N GLN B 237 -30.29 0.76 -11.00
CA GLN B 237 -29.23 1.51 -10.33
C GLN B 237 -29.65 1.81 -8.89
N ARG B 238 -29.63 0.76 -8.08
CA ARG B 238 -29.97 0.82 -6.67
C ARG B 238 -29.29 -0.32 -5.95
N SER B 239 -29.01 -0.13 -4.65
CA SER B 239 -28.39 -1.17 -3.85
C SER B 239 -29.45 -2.02 -3.14
N SER B 240 -30.65 -1.45 -3.01
CA SER B 240 -31.80 -2.15 -2.43
C SER B 240 -31.46 -2.88 -1.12
N ASN B 241 -30.84 -2.17 -0.18
CA ASN B 241 -30.66 -2.69 1.18
C ASN B 241 -29.68 -3.88 1.27
N PHE B 242 -28.88 -4.09 0.23
CA PHE B 242 -27.96 -5.23 0.21
C PHE B 242 -26.59 -4.82 0.77
N MET B 243 -26.05 -5.64 1.66
CA MET B 243 -24.75 -5.35 2.28
C MET B 243 -24.67 -3.89 2.75
N LEU B 244 -25.73 -3.44 3.40
CA LEU B 244 -25.85 -2.03 3.77
C LEU B 244 -24.64 -1.48 4.55
N TRP B 245 -24.34 -2.08 5.70
CA TRP B 245 -23.17 -1.66 6.47
C TRP B 245 -21.91 -1.85 5.67
N GLN B 246 -21.78 -3.02 5.06
CA GLN B 246 -20.54 -3.45 4.45
C GLN B 246 -20.18 -2.69 3.15
N ALA B 247 -21.19 -2.18 2.45
CA ALA B 247 -20.97 -1.57 1.13
C ALA B 247 -20.94 -0.05 1.17
N ALA B 248 -20.78 0.51 2.37
CA ALA B 248 -20.81 1.95 2.57
C ALA B 248 -19.77 2.72 1.72
N TYR B 249 -18.62 2.10 1.48
CA TYR B 249 -17.59 2.67 0.61
C TYR B 249 -17.38 1.90 -0.70
N ALA B 250 -18.33 1.04 -1.07
CA ALA B 250 -18.20 0.21 -2.26
C ALA B 250 -18.23 1.07 -3.52
N GLU B 251 -17.54 0.60 -4.57
CA GLU B 251 -17.75 1.15 -5.90
C GLU B 251 -18.88 0.38 -6.58
N TYR B 252 -19.74 1.11 -7.27
CA TYR B 252 -20.87 0.54 -8.00
C TYR B 252 -20.59 0.46 -9.50
N ILE B 253 -20.86 -0.71 -10.08
CA ILE B 253 -20.92 -0.91 -11.54
C ILE B 253 -22.26 -1.56 -11.87
N PHE B 254 -23.03 -0.88 -12.70
CA PHE B 254 -24.34 -1.32 -13.10
C PHE B 254 -24.25 -1.88 -14.52
N GLN B 255 -24.74 -3.10 -14.72
CA GLN B 255 -24.67 -3.75 -16.03
C GLN B 255 -26.07 -4.00 -16.57
N ASP B 256 -26.24 -3.77 -17.86
CA ASP B 256 -27.58 -3.76 -18.49
C ASP B 256 -28.24 -5.14 -18.61
N LYS B 257 -27.43 -6.18 -18.80
CA LYS B 257 -27.99 -7.47 -19.14
C LYS B 257 -28.70 -8.14 -17.97
N LEU B 258 -29.67 -8.95 -18.33
CA LEU B 258 -30.48 -9.69 -17.39
C LEU B 258 -29.69 -10.87 -16.88
N TRP B 259 -29.89 -11.20 -15.60
CA TRP B 259 -29.11 -12.23 -14.94
C TRP B 259 -29.02 -13.55 -15.73
N PRO B 260 -30.16 -14.08 -16.27
CA PRO B 260 -30.06 -15.31 -17.03
C PRO B 260 -29.19 -15.23 -18.30
N ASP B 261 -28.93 -14.02 -18.79
CA ASP B 261 -28.02 -13.79 -19.92
C ASP B 261 -26.56 -13.52 -19.51
N TYR B 262 -26.31 -13.41 -18.21
CA TYR B 262 -24.99 -13.08 -17.66
C TYR B 262 -24.09 -14.31 -17.68
N ASP B 263 -22.78 -14.08 -17.73
CA ASP B 263 -21.80 -15.17 -17.65
C ASP B 263 -20.48 -14.65 -17.09
N ARG B 264 -19.56 -15.56 -16.85
CA ARG B 264 -18.37 -15.21 -16.10
C ARG B 264 -17.57 -14.11 -16.80
N ARG B 265 -17.68 -14.01 -18.12
CA ARG B 265 -16.95 -12.97 -18.86
C ARG B 265 -17.44 -11.59 -18.51
N ASP B 266 -18.72 -11.50 -18.18
CA ASP B 266 -19.33 -10.23 -17.76
C ASP B 266 -18.80 -9.81 -16.38
N LEU B 267 -18.66 -10.77 -15.47
CA LEU B 267 -18.02 -10.54 -14.16
C LEU B 267 -16.62 -9.99 -14.37
N TRP B 268 -15.86 -10.64 -15.26
CA TRP B 268 -14.46 -10.25 -15.48
C TRP B 268 -14.36 -8.84 -16.03
N ALA B 269 -15.26 -8.50 -16.94
CA ALA B 269 -15.26 -7.17 -17.54
C ALA B 269 -15.46 -6.11 -16.44
N ALA B 270 -16.39 -6.37 -15.52
CA ALA B 270 -16.65 -5.42 -14.42
C ALA B 270 -15.42 -5.31 -13.51
N CYS B 271 -14.82 -6.45 -13.17
CA CYS B 271 -13.59 -6.47 -12.35
C CYS B 271 -12.42 -5.75 -13.03
N GLU B 272 -12.31 -5.91 -14.35
CA GLU B 272 -11.31 -5.20 -15.14
C GLU B 272 -11.53 -3.69 -15.08
N GLU B 273 -12.78 -3.27 -15.26
CA GLU B 273 -13.14 -1.86 -15.18
C GLU B 273 -12.81 -1.32 -13.78
N TYR B 274 -13.19 -2.08 -12.77
CA TYR B 274 -12.83 -1.77 -11.39
C TYR B 274 -11.30 -1.63 -11.21
N ALA B 275 -10.56 -2.63 -11.70
CA ALA B 275 -9.11 -2.68 -11.49
C ALA B 275 -8.37 -1.57 -12.21
N SER B 276 -8.85 -1.16 -13.39
CA SER B 276 -8.12 -0.22 -14.22
C SER B 276 -8.32 1.24 -13.83
N ARG B 277 -9.28 1.49 -12.96
CA ARG B 277 -9.58 2.85 -12.55
C ARG B 277 -8.52 3.36 -11.57
N THR B 278 -8.07 4.59 -11.77
CA THR B 278 -7.25 5.28 -10.77
C THR B 278 -7.99 5.21 -9.45
N ARG B 279 -7.30 4.83 -8.38
CA ARG B 279 -7.92 4.78 -7.06
C ARG B 279 -7.59 6.07 -6.36
N ARG B 280 -8.61 6.88 -6.08
CA ARG B 280 -8.38 8.24 -5.60
C ARG B 280 -8.17 8.29 -4.08
N PHE B 281 -7.63 9.42 -3.61
CA PHE B 281 -7.38 9.65 -2.20
C PHE B 281 -8.47 9.08 -1.29
N GLY B 282 -8.04 8.35 -0.26
CA GLY B 282 -8.93 7.85 0.78
C GLY B 282 -9.58 6.50 0.50
N SER B 283 -9.47 6.01 -0.73
CA SER B 283 -10.18 4.78 -1.12
C SER B 283 -9.45 3.53 -0.61
N PRO C 2 26.03 -30.42 6.59
CA PRO C 2 26.97 -30.85 5.56
C PRO C 2 28.47 -30.66 5.91
N GLN C 3 28.79 -30.66 7.20
CA GLN C 3 30.16 -30.46 7.64
C GLN C 3 30.98 -31.72 7.45
N LEU C 4 32.30 -31.54 7.36
CA LEU C 4 33.24 -32.64 7.53
C LEU C 4 33.12 -33.10 8.99
N PRO C 5 33.24 -34.41 9.24
CA PRO C 5 33.26 -34.82 10.64
C PRO C 5 34.58 -34.39 11.29
N PRO C 6 34.59 -34.22 12.63
CA PRO C 6 35.79 -33.69 13.30
C PRO C 6 37.03 -34.51 12.97
N ALA C 7 38.15 -33.83 12.72
CA ALA C 7 39.38 -34.49 12.33
C ALA C 7 39.93 -35.35 13.46
N PRO C 8 40.64 -36.46 13.12
CA PRO C 8 41.30 -37.19 14.19
C PRO C 8 42.31 -36.31 14.93
N ASP C 9 42.53 -36.61 16.20
CA ASP C 9 43.42 -35.79 17.02
C ASP C 9 44.85 -35.80 16.45
N ASP C 10 45.14 -36.80 15.62
CA ASP C 10 46.46 -36.96 15.01
C ASP C 10 46.61 -36.16 13.71
N TYR C 11 45.51 -35.66 13.14
CA TYR C 11 45.55 -35.01 11.83
C TYR C 11 46.31 -33.68 11.87
N PRO C 12 47.08 -33.35 10.79
CA PRO C 12 47.90 -32.14 10.84
C PRO C 12 47.10 -30.87 11.11
N THR C 13 47.77 -29.89 11.73
CA THR C 13 47.13 -28.64 12.13
C THR C 13 47.71 -27.45 11.38
N PHE C 14 46.97 -26.35 11.41
CA PHE C 14 47.35 -25.11 10.73
C PHE C 14 46.56 -23.96 11.37
N PRO C 15 47.16 -22.75 11.48
CA PRO C 15 48.53 -22.35 11.15
C PRO C 15 49.52 -22.48 12.31
N ASP C 16 50.76 -22.83 11.97
CA ASP C 16 51.88 -22.84 12.92
C ASP C 16 52.69 -21.59 12.62
N THR C 17 52.52 -20.55 13.45
CA THR C 17 53.09 -19.23 13.18
C THR C 17 54.52 -19.01 13.70
N SER C 18 55.21 -20.09 14.07
CA SER C 18 56.57 -19.97 14.62
C SER C 18 57.65 -19.66 13.58
N THR C 19 57.25 -19.61 12.30
CA THR C 19 58.12 -19.15 11.21
C THR C 19 57.30 -18.31 10.25
N TRP C 20 57.98 -17.61 9.35
CA TRP C 20 57.28 -16.88 8.30
C TRP C 20 58.02 -16.99 6.95
N PRO C 21 57.28 -17.26 5.85
CA PRO C 21 55.86 -17.56 5.75
C PRO C 21 55.47 -18.86 6.44
N VAL C 22 54.19 -18.98 6.78
CA VAL C 22 53.68 -20.16 7.48
C VAL C 22 53.71 -21.40 6.57
N VAL C 23 54.40 -22.45 7.02
CA VAL C 23 54.52 -23.70 6.26
C VAL C 23 53.23 -24.51 6.31
N PHE C 24 52.73 -24.90 5.15
CA PHE C 24 51.52 -25.71 5.07
C PHE C 24 51.93 -27.18 5.18
N PRO C 25 51.32 -27.92 6.11
CA PRO C 25 51.75 -29.29 6.37
C PRO C 25 51.39 -30.26 5.25
N GLU C 26 52.23 -31.29 5.10
CA GLU C 26 51.90 -32.41 4.22
C GLU C 26 50.73 -33.19 4.84
N LEU C 27 49.78 -33.59 4.00
CA LEU C 27 48.58 -34.29 4.44
C LEU C 27 48.57 -35.72 3.90
N PRO C 28 47.88 -36.65 4.60
CA PRO C 28 47.66 -38.01 4.07
C PRO C 28 46.77 -38.05 2.82
N ALA C 29 46.43 -39.25 2.38
CA ALA C 29 45.62 -39.46 1.17
C ALA C 29 44.15 -39.74 1.49
N ALA C 30 43.26 -39.21 0.66
CA ALA C 30 41.81 -39.40 0.81
C ALA C 30 41.40 -40.82 0.37
N PRO C 31 40.17 -41.25 0.73
CA PRO C 31 39.68 -42.58 0.34
C PRO C 31 39.33 -42.64 -1.15
N TYR C 32 40.20 -43.28 -1.93
CA TYR C 32 40.20 -43.12 -3.39
C TYR C 32 40.07 -41.63 -3.69
N GLY C 33 38.84 -41.18 -3.96
CA GLY C 33 38.49 -39.77 -3.97
C GLY C 33 39.48 -38.82 -4.65
N GLY C 34 39.63 -37.63 -4.08
CA GLY C 34 40.52 -36.62 -4.65
C GLY C 34 41.04 -35.61 -3.64
N PRO C 35 40.26 -34.54 -3.39
CA PRO C 35 40.74 -33.49 -2.49
C PRO C 35 41.17 -33.98 -1.10
N CYS C 36 42.27 -33.43 -0.60
CA CYS C 36 42.72 -33.69 0.76
C CYS C 36 41.78 -33.05 1.76
N ARG C 37 41.54 -33.72 2.88
CA ARG C 37 40.84 -33.11 3.99
C ARG C 37 41.74 -32.00 4.53
N PRO C 38 41.20 -30.77 4.67
CA PRO C 38 42.05 -29.67 5.14
C PRO C 38 42.64 -29.91 6.54
N PRO C 39 43.82 -29.32 6.83
CA PRO C 39 44.37 -29.46 8.17
C PRO C 39 43.45 -28.78 9.18
N GLN C 40 43.29 -29.37 10.35
CA GLN C 40 42.44 -28.77 11.39
C GLN C 40 43.14 -27.57 12.01
N HIS C 41 42.39 -26.76 12.73
CA HIS C 41 42.98 -25.61 13.43
C HIS C 41 43.90 -26.08 14.55
N THR C 42 44.88 -25.24 14.87
CA THR C 42 45.80 -25.45 15.98
C THR C 42 45.08 -25.84 17.28
N SER C 43 43.99 -25.14 17.61
CA SER C 43 43.18 -25.47 18.78
C SER C 43 42.46 -26.82 18.65
N LYS C 44 42.45 -27.38 17.43
CA LYS C 44 41.79 -28.66 17.14
C LYS C 44 40.27 -28.60 17.32
N ALA C 45 39.72 -27.39 17.21
CA ALA C 45 38.29 -27.18 17.34
C ALA C 45 37.58 -27.65 16.08
N ALA C 46 36.37 -28.16 16.23
CA ALA C 46 35.59 -28.74 15.13
C ALA C 46 34.48 -27.78 14.72
N ALA C 47 34.11 -27.84 13.44
CA ALA C 47 33.11 -26.95 12.86
C ALA C 47 31.74 -27.21 13.49
N PRO C 48 30.94 -26.15 13.68
CA PRO C 48 29.63 -26.34 14.28
C PRO C 48 28.68 -27.05 13.32
N ARG C 49 27.75 -27.81 13.88
CA ARG C 49 26.77 -28.55 13.10
C ARG C 49 25.64 -27.62 12.71
N ILE C 50 25.70 -27.11 11.49
CA ILE C 50 24.68 -26.19 10.99
C ILE C 50 24.01 -26.82 9.79
N PRO C 51 22.67 -26.93 9.81
CA PRO C 51 22.01 -27.59 8.69
C PRO C 51 22.18 -26.84 7.38
N ALA C 52 22.13 -27.57 6.27
CA ALA C 52 22.30 -27.00 4.94
C ALA C 52 21.39 -25.78 4.70
N ASP C 53 20.14 -25.87 5.14
CA ASP C 53 19.17 -24.80 4.90
C ASP C 53 19.35 -23.56 5.77
N ARG C 54 20.24 -23.62 6.77
CA ARG C 54 20.58 -22.43 7.57
C ARG C 54 22.00 -21.93 7.33
N LEU C 55 22.73 -22.62 6.46
CA LEU C 55 24.13 -22.33 6.18
C LEU C 55 24.18 -21.34 5.02
N PRO C 56 25.12 -20.37 5.06
CA PRO C 56 25.28 -19.49 3.90
C PRO C 56 25.99 -20.20 2.74
N ASN C 57 25.40 -20.14 1.56
CA ASN C 57 26.00 -20.65 0.34
C ASN C 57 27.24 -19.82 -0.01
N HIS C 58 27.11 -18.50 0.10
CA HIS C 58 28.17 -17.58 -0.29
C HIS C 58 28.48 -16.60 0.84
N VAL C 59 29.71 -16.63 1.32
CA VAL C 59 30.19 -15.66 2.31
C VAL C 59 31.19 -14.72 1.66
N ALA C 60 31.02 -13.42 1.89
CA ALA C 60 31.99 -12.39 1.46
C ALA C 60 32.68 -11.80 2.68
N ILE C 61 34.00 -11.68 2.63
CA ILE C 61 34.78 -11.17 3.76
C ILE C 61 35.65 -9.98 3.34
N VAL C 62 35.47 -8.86 4.05
CA VAL C 62 36.36 -7.72 3.99
C VAL C 62 37.39 -7.91 5.11
N MET C 63 38.62 -8.23 4.71
CA MET C 63 39.71 -8.56 5.65
C MET C 63 40.37 -7.25 6.12
N ASP C 64 39.92 -6.75 7.26
CA ASP C 64 40.24 -5.38 7.67
C ASP C 64 41.04 -5.42 8.96
N GLY C 65 41.97 -4.48 9.10
CA GLY C 65 42.71 -4.29 10.34
C GLY C 65 44.17 -4.72 10.32
N ASN C 66 44.70 -5.12 9.16
CA ASN C 66 46.11 -5.52 9.08
C ASN C 66 47.06 -4.42 9.57
N GLY C 67 46.93 -3.23 8.99
CA GLY C 67 47.80 -2.11 9.33
C GLY C 67 47.72 -1.63 10.78
N ARG C 68 46.53 -1.64 11.36
CA ARG C 68 46.34 -1.19 12.74
C ARG C 68 46.90 -2.22 13.73
N TRP C 69 46.77 -3.50 13.39
CA TRP C 69 47.40 -4.57 14.15
C TRP C 69 48.91 -4.32 14.30
N ALA C 70 49.55 -3.93 13.20
CA ALA C 70 51.00 -3.66 13.19
C ALA C 70 51.35 -2.37 13.93
N THR C 71 50.63 -1.30 13.61
CA THR C 71 50.75 -0.02 14.30
C THR C 71 50.71 -0.19 15.82
N GLN C 72 49.66 -0.85 16.28
CA GLN C 72 49.48 -1.17 17.71
C GLN C 72 50.72 -1.78 18.34
N ARG C 73 51.50 -2.53 17.54
CA ARG C 73 52.67 -3.26 18.02
C ARG C 73 54.01 -2.59 17.70
N GLY C 74 53.97 -1.36 17.19
CA GLY C 74 55.19 -0.66 16.80
C GLY C 74 55.82 -1.18 15.52
N LEU C 75 55.01 -1.79 14.66
CA LEU C 75 55.50 -2.43 13.44
C LEU C 75 55.02 -1.69 12.21
N ALA C 76 55.81 -1.74 11.15
CA ALA C 76 55.39 -1.23 9.84
C ALA C 76 54.14 -1.97 9.39
N ARG C 77 53.25 -1.25 8.70
CA ARG C 77 51.96 -1.80 8.28
C ARG C 77 52.08 -3.08 7.48
N THR C 78 53.13 -3.19 6.66
CA THR C 78 53.37 -4.37 5.82
C THR C 78 53.50 -5.64 6.64
N GLU C 79 53.97 -5.51 7.88
CA GLU C 79 54.09 -6.67 8.78
C GLU C 79 52.71 -7.23 9.16
N GLY C 80 51.71 -6.37 9.25
CA GLY C 80 50.35 -6.83 9.49
C GLY C 80 49.80 -7.62 8.32
N HIS C 81 50.08 -7.16 7.11
CA HIS C 81 49.65 -7.87 5.90
C HIS C 81 50.34 -9.25 5.82
N LYS C 82 51.60 -9.31 6.20
CA LYS C 82 52.31 -10.59 6.22
C LYS C 82 51.62 -11.59 7.14
N MET C 83 51.20 -11.12 8.32
CA MET C 83 50.49 -11.99 9.28
C MET C 83 49.08 -12.41 8.84
N GLY C 84 48.43 -11.62 7.98
CA GLY C 84 47.08 -11.94 7.50
C GLY C 84 47.03 -13.06 6.48
N GLU C 85 48.17 -13.34 5.86
CA GLU C 85 48.27 -14.30 4.79
C GLU C 85 47.91 -15.72 5.23
N ALA C 86 48.46 -16.14 6.37
CA ALA C 86 48.12 -17.44 6.94
C ALA C 86 46.64 -17.47 7.34
N VAL C 87 46.11 -16.34 7.78
CA VAL C 87 44.70 -16.24 8.17
C VAL C 87 43.77 -16.52 6.97
N VAL C 88 44.14 -16.08 5.78
CA VAL C 88 43.36 -16.39 4.56
C VAL C 88 43.26 -17.92 4.34
N ILE C 89 44.39 -18.60 4.44
CA ILE C 89 44.43 -20.04 4.24
C ILE C 89 43.63 -20.75 5.33
N ASP C 90 43.88 -20.37 6.59
CA ASP C 90 43.12 -20.87 7.75
C ASP C 90 41.59 -20.72 7.55
N ILE C 91 41.16 -19.57 7.03
CA ILE C 91 39.74 -19.37 6.77
C ILE C 91 39.25 -20.23 5.61
N ALA C 92 40.10 -20.42 4.58
CA ALA C 92 39.78 -21.34 3.50
C ALA C 92 39.54 -22.75 4.04
N CYS C 93 40.45 -23.21 4.89
CA CYS C 93 40.34 -24.53 5.51
C CYS C 93 39.07 -24.71 6.34
N GLY C 94 38.78 -23.70 7.16
CA GLY C 94 37.55 -23.64 7.95
C GLY C 94 36.27 -23.58 7.13
N ALA C 95 36.28 -22.80 6.03
CA ALA C 95 35.12 -22.76 5.13
C ALA C 95 34.78 -24.15 4.60
N ILE C 96 35.80 -24.88 4.17
CA ILE C 96 35.64 -26.26 3.68
C ILE C 96 35.10 -27.16 4.79
N GLU C 97 35.63 -27.04 5.99
CA GLU C 97 35.18 -27.85 7.12
C GLU C 97 33.69 -27.63 7.41
N LEU C 98 33.26 -26.37 7.37
CA LEU C 98 31.87 -26.01 7.66
C LEU C 98 30.90 -26.35 6.52
N GLY C 99 31.38 -26.36 5.28
CA GLY C 99 30.56 -26.68 4.09
C GLY C 99 30.15 -25.48 3.25
N ILE C 100 30.88 -24.38 3.40
CA ILE C 100 30.63 -23.18 2.62
C ILE C 100 31.08 -23.43 1.17
N LYS C 101 30.21 -23.12 0.21
CA LYS C 101 30.50 -23.42 -1.21
C LYS C 101 31.17 -22.29 -1.95
N TRP C 102 30.95 -21.05 -1.50
CA TRP C 102 31.46 -19.87 -2.16
C TRP C 102 32.05 -18.89 -1.17
N LEU C 103 33.28 -18.45 -1.43
CA LEU C 103 33.97 -17.52 -0.55
C LEU C 103 34.62 -16.39 -1.39
N SER C 104 34.20 -15.16 -1.12
CA SER C 104 34.77 -13.99 -1.80
C SER C 104 35.62 -13.18 -0.83
N LEU C 105 36.86 -12.89 -1.20
CA LEU C 105 37.82 -12.22 -0.31
C LEU C 105 38.28 -10.89 -0.90
N TYR C 106 38.22 -9.82 -0.10
CA TYR C 106 38.55 -8.48 -0.59
C TYR C 106 40.04 -8.20 -0.36
N ALA C 107 40.87 -8.73 -1.25
CA ALA C 107 42.32 -8.66 -1.10
C ALA C 107 42.88 -7.27 -1.39
N PHE C 108 42.24 -6.56 -2.33
CA PHE C 108 42.68 -5.23 -2.72
C PHE C 108 41.57 -4.46 -3.44
N SER C 109 41.21 -3.31 -2.87
CA SER C 109 40.14 -2.48 -3.42
C SER C 109 40.67 -1.45 -4.41
N THR C 110 39.82 -1.00 -5.30
CA THR C 110 40.13 0.17 -6.13
C THR C 110 40.47 1.43 -5.29
N GLU C 111 39.94 1.54 -4.08
CA GLU C 111 40.27 2.68 -3.23
C GLU C 111 41.67 2.61 -2.66
N ASN C 112 42.24 1.40 -2.62
CA ASN C 112 43.56 1.20 -2.04
C ASN C 112 44.70 1.84 -2.83
N TRP C 113 44.41 2.31 -4.04
CA TRP C 113 45.38 3.15 -4.77
C TRP C 113 45.66 4.48 -4.07
N LYS C 114 44.78 4.88 -3.15
CA LYS C 114 44.97 6.08 -2.36
C LYS C 114 45.99 5.92 -1.23
N ARG C 115 46.45 4.70 -0.99
CA ARG C 115 47.45 4.46 0.04
C ARG C 115 48.82 4.92 -0.44
N SER C 116 49.82 4.82 0.43
CA SER C 116 51.18 5.19 0.08
C SER C 116 51.66 4.32 -1.09
N PRO C 117 52.48 4.89 -1.98
CA PRO C 117 53.00 4.03 -3.06
C PRO C 117 53.84 2.90 -2.52
N GLU C 118 54.52 3.13 -1.39
CA GLU C 118 55.31 2.06 -0.79
C GLU C 118 54.40 0.92 -0.31
N GLU C 119 53.26 1.26 0.30
CA GLU C 119 52.31 0.20 0.67
C GLU C 119 51.63 -0.46 -0.55
N VAL C 120 51.32 0.32 -1.58
CA VAL C 120 50.66 -0.23 -2.77
C VAL C 120 51.61 -1.20 -3.49
N ARG C 121 52.85 -0.78 -3.68
CA ARG C 121 53.87 -1.66 -4.29
C ARG C 121 54.09 -2.93 -3.47
N PHE C 122 54.09 -2.82 -2.14
CA PHE C 122 54.18 -4.01 -1.32
C PHE C 122 53.00 -4.95 -1.52
N LEU C 123 51.79 -4.40 -1.52
CA LEU C 123 50.57 -5.22 -1.59
C LEU C 123 50.43 -5.95 -2.92
N MET C 124 50.81 -5.27 -4.00
CA MET C 124 50.80 -5.87 -5.32
C MET C 124 51.73 -7.08 -5.38
N GLY C 125 52.99 -6.85 -5.02
CA GLY C 125 54.00 -7.90 -4.99
C GLY C 125 53.64 -9.00 -4.02
N PHE C 126 53.05 -8.64 -2.88
CA PHE C 126 52.63 -9.65 -1.92
C PHE C 126 51.54 -10.60 -2.44
N ASN C 127 50.51 -10.04 -3.06
CA ASN C 127 49.43 -10.83 -3.63
C ASN C 127 49.95 -11.72 -4.78
N ARG C 128 50.84 -11.18 -5.60
CA ARG C 128 51.52 -11.94 -6.66
C ARG C 128 52.16 -13.18 -6.05
N ASP C 129 52.98 -12.96 -5.02
CA ASP C 129 53.75 -14.03 -4.37
C ASP C 129 52.86 -15.01 -3.61
N VAL C 130 51.81 -14.51 -2.96
CA VAL C 130 50.89 -15.38 -2.21
C VAL C 130 50.14 -16.37 -3.11
N VAL C 131 49.64 -15.89 -4.23
CA VAL C 131 48.96 -16.77 -5.18
C VAL C 131 49.95 -17.80 -5.76
N ARG C 132 51.16 -17.34 -6.08
CA ARG C 132 52.19 -18.24 -6.57
C ARG C 132 52.58 -19.29 -5.53
N ARG C 133 52.72 -18.86 -4.28
CA ARG C 133 53.17 -19.73 -3.19
C ARG C 133 52.11 -20.72 -2.74
N ARG C 134 50.84 -20.36 -2.89
CA ARG C 134 49.74 -21.13 -2.28
C ARG C 134 48.84 -21.89 -3.26
N ARG C 135 48.95 -21.63 -4.55
CA ARG C 135 47.96 -22.22 -5.48
C ARG C 135 48.01 -23.74 -5.56
N ASP C 136 49.19 -24.31 -5.37
CA ASP C 136 49.36 -25.78 -5.39
C ASP C 136 48.59 -26.42 -4.24
N THR C 137 48.71 -25.83 -3.05
CA THR C 137 47.96 -26.28 -1.89
C THR C 137 46.46 -26.10 -2.12
N LEU C 138 46.07 -24.92 -2.61
CA LEU C 138 44.66 -24.65 -2.86
C LEU C 138 44.08 -25.71 -3.82
N LYS C 139 44.83 -26.03 -4.88
CA LYS C 139 44.44 -27.11 -5.80
C LYS C 139 44.22 -28.45 -5.10
N LYS C 140 45.17 -28.86 -4.27
CA LYS C 140 45.06 -30.15 -3.56
C LYS C 140 43.82 -30.20 -2.66
N LEU C 141 43.47 -29.06 -2.09
CA LEU C 141 42.26 -28.97 -1.25
C LEU C 141 40.94 -28.92 -2.03
N GLY C 142 41.00 -28.94 -3.36
CA GLY C 142 39.80 -28.89 -4.18
C GLY C 142 39.19 -27.50 -4.27
N VAL C 143 39.99 -26.49 -3.94
CA VAL C 143 39.58 -25.10 -4.08
C VAL C 143 39.66 -24.69 -5.55
N ARG C 144 38.57 -24.13 -6.07
CA ARG C 144 38.57 -23.46 -7.37
C ARG C 144 38.75 -21.96 -7.11
N ILE C 145 39.93 -21.44 -7.47
CA ILE C 145 40.24 -20.03 -7.19
C ILE C 145 40.38 -19.24 -8.51
N ARG C 146 39.94 -17.98 -8.51
CA ARG C 146 40.16 -17.11 -9.66
C ARG C 146 40.13 -15.63 -9.30
N TRP C 147 40.63 -14.81 -10.22
CA TRP C 147 40.64 -13.36 -10.05
C TRP C 147 39.27 -12.74 -10.34
N VAL C 148 38.84 -11.85 -9.47
CA VAL C 148 37.72 -10.93 -9.75
C VAL C 148 38.21 -9.52 -9.51
N GLY C 149 38.01 -8.63 -10.47
CA GLY C 149 38.54 -7.29 -10.39
C GLY C 149 38.60 -6.57 -11.73
N SER C 150 39.21 -5.40 -11.70
CA SER C 150 39.29 -4.50 -12.84
C SER C 150 40.74 -4.46 -13.33
N ARG C 151 40.91 -4.39 -14.66
CA ARG C 151 42.21 -4.55 -15.29
C ARG C 151 43.12 -3.30 -15.15
N PRO C 152 42.61 -2.10 -15.51
CA PRO C 152 43.46 -0.89 -15.44
C PRO C 152 44.18 -0.71 -14.10
N ARG C 153 45.48 -0.42 -14.17
CA ARG C 153 46.35 -0.19 -13.01
C ARG C 153 46.86 -1.46 -12.29
N LEU C 154 46.09 -2.54 -12.28
CA LEU C 154 46.53 -3.76 -11.61
C LEU C 154 47.77 -4.32 -12.30
N TRP C 155 48.76 -4.73 -11.50
CA TRP C 155 49.99 -5.32 -12.01
C TRP C 155 49.64 -6.55 -12.84
N ARG C 156 50.18 -6.60 -14.05
CA ARG C 156 50.00 -7.76 -14.91
C ARG C 156 50.46 -9.06 -14.26
N SER C 157 51.47 -9.00 -13.40
CA SER C 157 51.97 -10.21 -12.74
C SER C 157 50.91 -10.81 -11.80
N VAL C 158 50.10 -9.96 -11.17
CA VAL C 158 49.08 -10.42 -10.24
C VAL C 158 47.98 -11.15 -11.01
N ILE C 159 47.54 -10.54 -12.12
CA ILE C 159 46.51 -11.15 -12.96
C ILE C 159 47.00 -12.49 -13.49
N ASN C 160 48.26 -12.54 -13.91
CA ASN C 160 48.85 -13.75 -14.48
C ASN C 160 48.92 -14.90 -13.50
N GLU C 161 49.38 -14.65 -12.28
CA GLU C 161 49.49 -15.71 -11.29
C GLU C 161 48.10 -16.28 -10.97
N LEU C 162 47.10 -15.40 -10.89
CA LEU C 162 45.73 -15.82 -10.68
C LEU C 162 45.15 -16.57 -11.89
N ALA C 163 45.51 -16.14 -13.10
CA ALA C 163 45.07 -16.83 -14.34
C ALA C 163 45.61 -18.24 -14.38
N VAL C 164 46.86 -18.41 -13.94
CA VAL C 164 47.50 -19.72 -13.85
C VAL C 164 46.78 -20.54 -12.79
N ALA C 165 46.49 -19.93 -11.65
CA ALA C 165 45.75 -20.63 -10.57
C ALA C 165 44.37 -21.03 -11.02
N GLU C 166 43.71 -20.13 -11.76
CA GLU C 166 42.38 -20.39 -12.32
C GLU C 166 42.39 -21.61 -13.25
N GLU C 167 43.29 -21.62 -14.23
CA GLU C 167 43.41 -22.76 -15.15
C GLU C 167 43.73 -24.08 -14.42
N MET C 168 44.59 -24.02 -13.41
CA MET C 168 44.92 -25.21 -12.62
C MET C 168 43.75 -25.79 -11.80
N THR C 169 42.82 -24.93 -11.37
CA THR C 169 41.78 -25.33 -10.45
C THR C 169 40.36 -25.28 -11.04
N LYS C 170 40.26 -25.13 -12.36
CA LYS C 170 38.96 -24.87 -13.00
C LYS C 170 37.98 -26.04 -12.88
N SER C 171 38.50 -27.25 -12.68
CA SER C 171 37.64 -28.41 -12.52
C SER C 171 37.46 -28.82 -11.05
N ASN C 172 38.00 -28.05 -10.11
CA ASN C 172 37.78 -28.30 -8.69
C ASN C 172 36.37 -27.85 -8.28
N ASP C 173 35.82 -28.46 -7.23
CA ASP C 173 34.43 -28.16 -6.82
C ASP C 173 34.14 -28.25 -5.31
N VAL C 174 35.15 -28.33 -4.46
CA VAL C 174 34.91 -28.33 -3.02
C VAL C 174 34.42 -26.94 -2.58
N ILE C 175 35.11 -25.91 -3.04
CA ILE C 175 34.76 -24.53 -2.73
C ILE C 175 35.26 -23.63 -3.85
N THR C 176 34.55 -22.55 -4.11
CA THR C 176 35.02 -21.55 -5.04
C THR C 176 35.43 -20.30 -4.28
N ILE C 177 36.68 -19.86 -4.49
CA ILE C 177 37.17 -18.59 -3.96
C ILE C 177 37.31 -17.52 -5.04
N ASN C 178 36.57 -16.42 -4.86
CA ASN C 178 36.74 -15.22 -5.67
C ASN C 178 37.77 -14.35 -4.97
N TYR C 179 38.96 -14.27 -5.56
CA TYR C 179 40.06 -13.53 -5.00
C TYR C 179 40.07 -12.16 -5.65
N CYS C 180 39.54 -11.18 -4.92
CA CYS C 180 39.15 -9.91 -5.51
C CYS C 180 40.28 -8.91 -5.37
N VAL C 181 40.89 -8.55 -6.49
CA VAL C 181 42.05 -7.70 -6.48
C VAL C 181 41.80 -6.58 -7.48
N ASN C 182 42.02 -5.35 -7.04
CA ASN C 182 41.59 -4.16 -7.78
C ASN C 182 40.11 -4.26 -8.10
N TYR C 183 39.34 -4.64 -7.07
CA TYR C 183 37.89 -4.82 -7.22
C TYR C 183 37.16 -3.58 -6.69
N GLY C 184 36.12 -3.18 -7.44
CA GLY C 184 35.17 -2.18 -6.97
C GLY C 184 33.80 -2.51 -7.50
N GLY C 185 32.80 -2.55 -6.63
CA GLY C 185 31.44 -2.91 -7.04
C GLY C 185 30.86 -2.01 -8.12
N ARG C 186 30.94 -0.70 -7.91
CA ARG C 186 30.52 0.24 -8.94
C ARG C 186 31.27 0.03 -10.26
N THR C 187 32.58 -0.17 -10.17
CA THR C 187 33.42 -0.37 -11.36
C THR C 187 32.99 -1.59 -12.15
N GLU C 188 32.75 -2.68 -11.43
CA GLU C 188 32.32 -3.96 -12.01
C GLU C 188 31.01 -3.79 -12.77
N ILE C 189 30.04 -3.13 -12.14
CA ILE C 189 28.77 -2.80 -12.79
C ILE C 189 29.01 -1.91 -14.01
N THR C 190 29.88 -0.91 -13.87
CA THR C 190 30.22 -0.03 -14.99
C THR C 190 30.78 -0.83 -16.16
N GLU C 191 31.67 -1.77 -15.87
CA GLU C 191 32.23 -2.62 -16.90
C GLU C 191 31.16 -3.46 -17.63
N ALA C 192 30.17 -3.96 -16.88
CA ALA C 192 29.01 -4.65 -17.50
C ALA C 192 28.20 -3.74 -18.43
N THR C 193 27.92 -2.54 -17.96
CA THR C 193 27.21 -1.54 -18.73
C THR C 193 27.94 -1.23 -20.03
N ARG C 194 29.26 -1.13 -19.95
CA ARG C 194 30.07 -0.91 -21.14
C ARG C 194 29.97 -2.05 -22.12
N GLU C 195 30.10 -3.30 -21.64
CA GLU C 195 29.90 -4.47 -22.49
C GLU C 195 28.53 -4.41 -23.17
N ILE C 196 27.50 -4.07 -22.41
CA ILE C 196 26.14 -3.95 -22.94
C ILE C 196 26.05 -2.87 -24.02
N ALA C 197 26.64 -1.70 -23.74
CA ALA C 197 26.74 -0.58 -24.68
C ALA C 197 27.43 -0.94 -26.00
N ARG C 198 28.53 -1.68 -25.95
CA ARG C 198 29.19 -2.19 -27.16
C ARG C 198 28.25 -3.07 -28.02
N GLU C 199 27.51 -3.95 -27.37
CA GLU C 199 26.54 -4.82 -28.06
C GLU C 199 25.41 -4.00 -28.72
N VAL C 200 24.93 -2.99 -28.01
CA VAL C 200 23.93 -2.07 -28.56
C VAL C 200 24.51 -1.31 -29.75
N ALA C 201 25.71 -0.76 -29.60
CA ALA C 201 26.40 -0.06 -30.70
C ALA C 201 26.61 -0.95 -31.95
N ALA C 202 26.85 -2.25 -31.74
CA ALA C 202 27.01 -3.21 -32.85
C ALA C 202 25.70 -3.74 -33.47
N GLY C 203 24.57 -3.23 -33.00
CA GLY C 203 23.25 -3.64 -33.52
C GLY C 203 22.74 -4.96 -32.95
N ARG C 204 23.43 -5.50 -31.95
CA ARG C 204 23.14 -6.84 -31.44
C ARG C 204 22.26 -6.88 -30.21
N LEU C 205 21.92 -5.73 -29.64
CA LEU C 205 21.06 -5.70 -28.45
C LEU C 205 20.13 -4.50 -28.49
N ASN C 206 18.85 -4.80 -28.32
CA ASN C 206 17.80 -3.79 -28.24
C ASN C 206 17.78 -3.21 -26.82
N PRO C 207 18.07 -1.90 -26.67
CA PRO C 207 18.03 -1.30 -25.33
C PRO C 207 16.78 -1.65 -24.50
N GLU C 208 15.64 -1.73 -25.17
CA GLU C 208 14.38 -1.97 -24.49
C GLU C 208 14.30 -3.37 -23.88
N ARG C 209 15.24 -4.24 -24.23
CA ARG C 209 15.24 -5.63 -23.77
C ARG C 209 16.25 -5.88 -22.65
N ILE C 210 16.91 -4.82 -22.21
CA ILE C 210 17.89 -4.92 -21.13
C ILE C 210 17.10 -5.11 -19.83
N THR C 211 17.47 -6.12 -19.05
CA THR C 211 16.86 -6.35 -17.75
C THR C 211 17.97 -6.53 -16.72
N GLU C 212 17.58 -6.68 -15.46
CA GLU C 212 18.54 -7.01 -14.40
C GLU C 212 19.38 -8.22 -14.78
N SER C 213 18.77 -9.21 -15.42
CA SER C 213 19.48 -10.43 -15.85
C SER C 213 20.54 -10.10 -16.88
N THR C 214 20.27 -9.12 -17.74
CA THR C 214 21.25 -8.69 -18.73
C THR C 214 22.50 -8.20 -18.02
N ILE C 215 22.34 -7.40 -16.97
CA ILE C 215 23.49 -6.90 -16.23
C ILE C 215 24.24 -8.06 -15.59
N ALA C 216 23.51 -8.95 -14.91
CA ALA C 216 24.11 -10.10 -14.25
C ALA C 216 24.96 -10.96 -15.21
N ARG C 217 24.41 -11.22 -16.39
CA ARG C 217 25.08 -11.97 -17.45
C ARG C 217 26.35 -11.31 -17.96
N HIS C 218 26.46 -9.99 -17.82
CA HIS C 218 27.63 -9.26 -18.35
C HIS C 218 28.65 -8.83 -17.29
N LEU C 219 28.40 -9.14 -16.02
CA LEU C 219 29.44 -8.98 -14.99
C LEU C 219 30.63 -9.88 -15.33
N GLN C 220 31.82 -9.52 -14.82
CA GLN C 220 33.04 -10.25 -15.13
C GLN C 220 32.91 -11.75 -14.94
N ARG C 221 32.36 -12.14 -13.78
CA ARG C 221 32.17 -13.55 -13.42
C ARG C 221 30.69 -13.80 -13.17
N PRO C 222 29.92 -14.02 -14.22
CA PRO C 222 28.48 -14.14 -14.05
C PRO C 222 27.99 -15.33 -13.22
N ASP C 223 28.84 -16.31 -12.91
CA ASP C 223 28.42 -17.48 -12.13
C ASP C 223 28.41 -17.24 -10.62
N ILE C 224 28.88 -16.08 -10.19
CA ILE C 224 28.96 -15.82 -8.74
C ILE C 224 27.53 -15.63 -8.20
N PRO C 225 27.08 -16.46 -7.25
CA PRO C 225 25.72 -16.26 -6.75
C PRO C 225 25.63 -15.11 -5.76
N ASP C 226 24.41 -14.73 -5.38
CA ASP C 226 24.24 -13.70 -4.37
C ASP C 226 25.06 -14.03 -3.10
N VAL C 227 25.52 -12.98 -2.42
CA VAL C 227 26.16 -13.11 -1.11
C VAL C 227 25.07 -13.25 -0.07
N ASP C 228 25.18 -14.29 0.75
CA ASP C 228 24.23 -14.53 1.83
C ASP C 228 24.71 -13.86 3.10
N LEU C 229 26.00 -14.03 3.40
CA LEU C 229 26.61 -13.46 4.60
C LEU C 229 27.79 -12.58 4.21
N PHE C 230 27.70 -11.30 4.57
CA PHE C 230 28.76 -10.32 4.33
C PHE C 230 29.43 -10.02 5.68
N LEU C 231 30.71 -10.34 5.76
CA LEU C 231 31.48 -10.19 7.00
C LEU C 231 32.56 -9.15 6.83
N ARG C 232 32.74 -8.35 7.87
CA ARG C 232 33.91 -7.47 7.95
C ARG C 232 34.48 -7.43 9.35
N THR C 233 35.81 -7.44 9.42
CA THR C 233 36.54 -7.39 10.68
C THR C 233 36.88 -5.95 11.07
N SER C 234 37.44 -5.77 12.27
CA SER C 234 37.94 -4.48 12.77
C SER C 234 36.85 -3.56 13.37
N GLY C 235 35.59 -3.99 13.34
CA GLY C 235 34.47 -3.19 13.88
C GLY C 235 33.89 -2.14 12.93
N GLU C 236 34.51 -1.96 11.78
CA GLU C 236 34.05 -1.01 10.77
C GLU C 236 32.73 -1.45 10.09
N GLN C 237 31.73 -0.57 10.14
CA GLN C 237 30.40 -0.94 9.65
C GLN C 237 30.15 -0.29 8.29
N ARG C 238 30.88 -0.78 7.30
CA ARG C 238 30.74 -0.38 5.90
C ARG C 238 30.92 -1.59 5.00
N SER C 239 30.18 -1.63 3.90
CA SER C 239 30.43 -2.65 2.87
C SER C 239 31.60 -2.23 1.96
N SER C 240 31.87 -0.94 1.88
CA SER C 240 32.99 -0.42 1.10
C SER C 240 33.04 -0.93 -0.34
N ASN C 241 31.89 -0.94 -1.00
CA ASN C 241 31.80 -1.17 -2.43
C ASN C 241 32.16 -2.63 -2.80
N PHE C 242 32.09 -3.54 -1.83
CA PHE C 242 32.47 -4.92 -2.06
C PHE C 242 31.26 -5.77 -2.47
N MET C 243 31.41 -6.55 -3.54
CA MET C 243 30.32 -7.40 -4.04
C MET C 243 29.02 -6.61 -4.09
N LEU C 244 29.07 -5.42 -4.69
CA LEU C 244 27.96 -4.49 -4.55
C LEU C 244 26.65 -5.04 -5.14
N TRP C 245 26.70 -5.47 -6.41
CA TRP C 245 25.51 -6.11 -7.03
C TRP C 245 25.04 -7.35 -6.26
N GLN C 246 26.01 -8.18 -5.90
CA GLN C 246 25.72 -9.54 -5.39
C GLN C 246 25.22 -9.54 -3.97
N ALA C 247 25.60 -8.52 -3.18
CA ALA C 247 25.24 -8.45 -1.75
C ALA C 247 24.00 -7.60 -1.45
N ALA C 248 23.21 -7.26 -2.47
CA ALA C 248 22.01 -6.42 -2.26
C ALA C 248 21.10 -6.89 -1.12
N TYR C 249 20.95 -8.20 -0.96
CA TYR C 249 20.15 -8.76 0.11
C TYR C 249 20.96 -9.56 1.14
N ALA C 250 22.27 -9.36 1.17
CA ALA C 250 23.11 -10.06 2.15
C ALA C 250 22.82 -9.66 3.59
N GLU C 251 23.01 -10.61 4.51
CA GLU C 251 23.08 -10.31 5.95
C GLU C 251 24.47 -9.81 6.28
N TYR C 252 24.55 -8.73 7.07
CA TYR C 252 25.83 -8.15 7.52
C TYR C 252 26.15 -8.60 8.94
N ILE C 253 27.40 -9.02 9.13
CA ILE C 253 27.95 -9.23 10.45
C ILE C 253 29.27 -8.47 10.52
N PHE C 254 29.36 -7.56 11.47
CA PHE C 254 30.55 -6.75 11.66
C PHE C 254 31.24 -7.16 12.95
N GLN C 255 32.39 -7.79 12.83
CA GLN C 255 33.14 -8.29 13.98
C GLN C 255 34.29 -7.34 14.34
N ASP C 256 34.53 -7.15 15.62
CA ASP C 256 35.56 -6.20 16.09
C ASP C 256 37.01 -6.67 15.88
N LYS C 257 37.24 -7.98 15.84
CA LYS C 257 38.59 -8.55 15.71
C LYS C 257 39.39 -8.00 14.52
N LEU C 258 40.68 -7.73 14.71
CA LEU C 258 41.58 -7.33 13.61
C LEU C 258 41.95 -8.58 12.79
N TRP C 259 42.16 -8.43 11.49
CA TRP C 259 42.34 -9.62 10.65
C TRP C 259 43.51 -10.55 11.04
N PRO C 260 44.71 -10.01 11.36
CA PRO C 260 45.79 -10.92 11.79
C PRO C 260 45.49 -11.74 13.07
N ASP C 261 44.52 -11.30 13.87
CA ASP C 261 44.08 -12.02 15.07
C ASP C 261 42.96 -13.04 14.77
N TYR C 262 42.44 -13.01 13.55
CA TYR C 262 41.25 -13.76 13.19
C TYR C 262 41.62 -15.21 12.95
N ASP C 263 40.64 -16.11 13.09
CA ASP C 263 40.84 -17.52 12.73
C ASP C 263 39.50 -18.16 12.38
N ARG C 264 39.54 -19.42 11.96
CA ARG C 264 38.35 -20.10 11.42
C ARG C 264 37.19 -20.19 12.43
N ARG C 265 37.51 -20.29 13.71
CA ARG C 265 36.48 -20.33 14.75
C ARG C 265 35.61 -19.06 14.73
N ASP C 266 36.22 -17.93 14.36
CA ASP C 266 35.49 -16.66 14.21
C ASP C 266 34.55 -16.69 13.02
N LEU C 267 35.01 -17.28 11.91
CA LEU C 267 34.16 -17.52 10.74
C LEU C 267 32.93 -18.34 11.14
N TRP C 268 33.18 -19.43 11.86
CA TRP C 268 32.11 -20.32 12.29
C TRP C 268 31.12 -19.59 13.18
N ALA C 269 31.63 -18.80 14.12
CA ALA C 269 30.77 -18.02 15.01
C ALA C 269 29.88 -17.08 14.21
N ALA C 270 30.44 -16.47 13.18
CA ALA C 270 29.69 -15.54 12.34
C ALA C 270 28.61 -16.31 11.60
N CYS C 271 28.94 -17.52 11.14
CA CYS C 271 27.96 -18.37 10.47
C CYS C 271 26.86 -18.88 11.41
N GLU C 272 27.17 -19.10 12.67
CA GLU C 272 26.13 -19.47 13.66
C GLU C 272 25.15 -18.32 13.87
N GLU C 273 25.66 -17.09 13.86
CA GLU C 273 24.82 -15.91 14.01
C GLU C 273 23.90 -15.82 12.80
N TYR C 274 24.46 -15.94 11.60
CA TYR C 274 23.68 -16.00 10.37
C TYR C 274 22.54 -17.03 10.46
N ALA C 275 22.87 -18.23 10.96
CA ALA C 275 21.97 -19.40 10.91
C ALA C 275 20.60 -19.23 11.60
N SER C 276 20.47 -18.24 12.48
CA SER C 276 19.21 -18.02 13.16
C SER C 276 18.66 -16.61 12.95
N ARG C 277 19.13 -15.94 11.89
CA ARG C 277 18.49 -14.73 11.42
C ARG C 277 17.41 -15.12 10.42
N THR C 278 16.32 -14.36 10.42
CA THR C 278 15.25 -14.58 9.47
C THR C 278 15.43 -13.67 8.27
N ARG C 279 15.57 -14.27 7.08
CA ARG C 279 15.65 -13.51 5.84
C ARG C 279 14.27 -13.51 5.19
N ARG C 280 13.93 -12.39 4.55
CA ARG C 280 12.58 -12.20 4.00
C ARG C 280 12.57 -11.91 2.50
N PHE C 281 13.60 -11.25 2.00
CA PHE C 281 13.68 -10.86 0.59
C PHE C 281 12.45 -10.08 0.13
N GLY C 282 11.89 -9.25 1.00
CA GLY C 282 10.73 -8.43 0.67
C GLY C 282 9.41 -8.96 1.19
N SER C 283 9.38 -10.24 1.53
CA SER C 283 8.16 -10.89 2.01
C SER C 283 7.87 -10.54 3.48
N ALA C 284 6.67 -10.92 3.94
CA ALA C 284 6.26 -10.73 5.33
C ALA C 284 6.18 -9.24 5.73
N PHE D 1 -46.80 21.61 -11.17
CA PHE D 1 -47.28 20.40 -10.46
C PHE D 1 -46.15 19.66 -9.72
N PRO D 2 -45.58 20.29 -8.68
CA PRO D 2 -45.74 21.64 -8.24
C PRO D 2 -44.53 22.50 -8.61
N GLN D 3 -44.14 22.45 -9.88
CA GLN D 3 -43.07 23.32 -10.37
C GLN D 3 -43.57 24.76 -10.35
N LEU D 4 -42.67 25.68 -10.05
CA LEU D 4 -42.96 27.09 -10.26
C LEU D 4 -42.96 27.32 -11.78
N PRO D 5 -43.90 28.13 -12.28
CA PRO D 5 -43.90 28.37 -13.72
C PRO D 5 -42.69 29.22 -14.13
N PRO D 6 -42.31 29.19 -15.42
CA PRO D 6 -41.27 30.11 -15.88
C PRO D 6 -41.42 31.49 -15.25
N ALA D 7 -40.31 32.06 -14.77
CA ALA D 7 -40.32 33.38 -14.19
C ALA D 7 -40.48 34.41 -15.29
N PRO D 8 -40.90 35.63 -14.94
CA PRO D 8 -40.83 36.74 -15.90
C PRO D 8 -39.46 36.81 -16.58
N ASP D 9 -39.45 37.16 -17.86
CA ASP D 9 -38.21 37.28 -18.64
C ASP D 9 -37.21 38.17 -17.92
N ASP D 10 -37.73 39.23 -17.27
CA ASP D 10 -36.92 40.21 -16.56
C ASP D 10 -36.66 39.86 -15.09
N TYR D 11 -37.01 38.64 -14.66
CA TYR D 11 -36.82 38.27 -13.26
C TYR D 11 -35.33 38.07 -12.98
N PRO D 12 -34.85 38.55 -11.82
CA PRO D 12 -33.44 38.41 -11.44
C PRO D 12 -32.86 37.00 -11.62
N THR D 13 -31.60 36.94 -12.01
CA THR D 13 -30.94 35.68 -12.32
C THR D 13 -29.77 35.39 -11.38
N PHE D 14 -29.32 34.14 -11.39
CA PHE D 14 -28.24 33.68 -10.51
C PHE D 14 -27.64 32.40 -11.12
N PRO D 15 -26.33 32.19 -11.00
CA PRO D 15 -25.29 33.03 -10.38
C PRO D 15 -24.52 33.89 -11.37
N ASP D 16 -24.14 35.08 -10.91
CA ASP D 16 -23.20 35.94 -11.64
C ASP D 16 -21.82 35.71 -11.03
N THR D 17 -20.96 35.03 -11.78
CA THR D 17 -19.63 34.68 -11.28
C THR D 17 -18.57 35.68 -11.71
N SER D 18 -18.99 36.88 -12.11
CA SER D 18 -18.06 37.96 -12.43
C SER D 18 -17.36 38.48 -11.17
N THR D 19 -17.90 38.15 -10.00
CA THR D 19 -17.26 38.45 -8.73
C THR D 19 -17.29 37.24 -7.80
N TRP D 20 -16.38 37.23 -6.84
CA TRP D 20 -16.43 36.28 -5.74
C TRP D 20 -16.23 37.01 -4.41
N PRO D 21 -17.02 36.65 -3.38
CA PRO D 21 -18.16 35.73 -3.42
C PRO D 21 -19.24 36.23 -4.38
N VAL D 22 -20.10 35.32 -4.83
CA VAL D 22 -21.16 35.67 -5.77
C VAL D 22 -22.27 36.40 -5.03
N VAL D 23 -22.66 37.57 -5.52
CA VAL D 23 -23.71 38.34 -4.85
C VAL D 23 -25.09 37.83 -5.23
N PHE D 24 -25.90 37.49 -4.23
CA PHE D 24 -27.28 37.09 -4.47
C PHE D 24 -28.10 38.33 -4.80
N PRO D 25 -28.92 38.28 -5.87
CA PRO D 25 -29.63 39.47 -6.31
C PRO D 25 -30.81 39.86 -5.41
N GLU D 26 -31.10 41.17 -5.40
CA GLU D 26 -32.29 41.70 -4.73
C GLU D 26 -33.53 41.25 -5.49
N LEU D 27 -34.43 40.54 -4.81
CA LEU D 27 -35.64 40.00 -5.43
C LEU D 27 -36.88 40.82 -5.08
N PRO D 28 -37.77 41.05 -6.07
CA PRO D 28 -38.99 41.79 -5.78
C PRO D 28 -39.87 41.09 -4.74
N ALA D 29 -40.75 41.88 -4.11
CA ALA D 29 -41.67 41.36 -3.12
C ALA D 29 -42.90 40.79 -3.80
N ALA D 30 -43.46 39.73 -3.23
CA ALA D 30 -44.82 39.31 -3.51
C ALA D 30 -45.65 39.90 -2.39
N PRO D 31 -46.25 41.09 -2.59
CA PRO D 31 -46.83 41.92 -1.52
C PRO D 31 -47.23 41.18 -0.23
N TYR D 32 -46.35 41.25 0.78
CA TYR D 32 -46.45 40.47 2.04
C TYR D 32 -46.59 38.95 1.89
N GLY D 33 -46.66 38.47 0.65
CA GLY D 33 -46.98 37.08 0.38
C GLY D 33 -45.78 36.17 0.46
N GLY D 34 -45.34 35.90 1.70
CA GLY D 34 -44.42 34.81 1.99
C GLY D 34 -43.11 34.78 1.22
N PRO D 35 -42.51 33.59 1.07
CA PRO D 35 -41.21 33.39 0.43
C PRO D 35 -41.07 33.93 -1.00
N CYS D 36 -39.93 34.56 -1.28
CA CYS D 36 -39.64 35.10 -2.60
C CYS D 36 -39.54 33.99 -3.63
N ARG D 37 -39.88 34.30 -4.88
CA ARG D 37 -39.53 33.41 -5.98
C ARG D 37 -38.01 33.44 -6.13
N PRO D 38 -37.37 32.25 -6.16
CA PRO D 38 -35.93 32.21 -6.39
C PRO D 38 -35.53 32.87 -7.71
N PRO D 39 -34.31 33.42 -7.78
CA PRO D 39 -33.85 33.95 -9.05
C PRO D 39 -33.71 32.84 -10.08
N GLN D 40 -34.02 33.13 -11.34
CA GLN D 40 -33.79 32.19 -12.44
C GLN D 40 -32.32 31.80 -12.55
N HIS D 41 -32.05 30.72 -13.27
CA HIS D 41 -30.70 30.49 -13.77
C HIS D 41 -30.41 31.54 -14.84
N THR D 42 -29.12 31.87 -15.01
CA THR D 42 -28.70 32.85 -16.00
C THR D 42 -29.10 32.43 -17.44
N SER D 43 -29.18 31.13 -17.67
CA SER D 43 -29.68 30.58 -18.93
C SER D 43 -31.18 30.80 -19.11
N LYS D 44 -31.88 31.12 -18.02
CA LYS D 44 -33.32 31.32 -18.00
C LYS D 44 -34.07 30.05 -18.39
N ALA D 45 -33.47 28.90 -18.11
CA ALA D 45 -34.13 27.62 -18.33
C ALA D 45 -35.22 27.47 -17.29
N ALA D 46 -36.32 26.83 -17.67
CA ALA D 46 -37.43 26.60 -16.75
C ALA D 46 -37.40 25.16 -16.29
N ALA D 47 -37.86 24.92 -15.06
CA ALA D 47 -37.92 23.57 -14.52
C ALA D 47 -38.80 22.69 -15.41
N PRO D 48 -38.39 21.44 -15.64
CA PRO D 48 -39.22 20.52 -16.43
C PRO D 48 -40.49 20.10 -15.70
N ARG D 49 -41.57 19.89 -16.45
CA ARG D 49 -42.83 19.46 -15.83
C ARG D 49 -42.79 17.97 -15.50
N ILE D 50 -42.52 17.67 -14.24
CA ILE D 50 -42.52 16.31 -13.73
C ILE D 50 -43.68 16.21 -12.75
N PRO D 51 -44.63 15.29 -12.99
CA PRO D 51 -45.73 15.18 -12.03
C PRO D 51 -45.25 14.76 -10.64
N ALA D 52 -45.99 15.18 -9.61
CA ALA D 52 -45.58 14.98 -8.21
C ALA D 52 -45.37 13.51 -7.86
N ASP D 53 -46.15 12.63 -8.47
CA ASP D 53 -46.02 11.20 -8.21
C ASP D 53 -44.79 10.57 -8.89
N ARG D 54 -44.07 11.38 -9.67
CA ARG D 54 -42.81 10.97 -10.28
C ARG D 54 -41.59 11.82 -9.85
N LEU D 55 -41.83 12.85 -9.04
CA LEU D 55 -40.78 13.70 -8.52
C LEU D 55 -40.22 13.04 -7.27
N PRO D 56 -38.90 13.12 -7.08
CA PRO D 56 -38.32 12.64 -5.81
C PRO D 56 -38.65 13.58 -4.65
N ASN D 57 -39.13 13.01 -3.54
CA ASN D 57 -39.41 13.78 -2.34
C ASN D 57 -38.09 14.29 -1.75
N HIS D 58 -37.09 13.41 -1.77
CA HIS D 58 -35.83 13.63 -1.13
C HIS D 58 -34.65 13.29 -2.06
N VAL D 59 -33.88 14.33 -2.39
CA VAL D 59 -32.66 14.21 -3.19
C VAL D 59 -31.45 14.40 -2.28
N ALA D 60 -30.48 13.49 -2.40
CA ALA D 60 -29.24 13.59 -1.67
C ALA D 60 -28.12 13.79 -2.67
N ILE D 61 -27.23 14.77 -2.42
CA ILE D 61 -26.15 15.08 -3.33
C ILE D 61 -24.79 15.04 -2.65
N VAL D 62 -23.88 14.27 -3.23
CA VAL D 62 -22.48 14.28 -2.83
C VAL D 62 -21.81 15.20 -3.82
N MET D 63 -21.37 16.36 -3.32
CA MET D 63 -20.84 17.44 -4.14
C MET D 63 -19.34 17.24 -4.39
N ASP D 64 -19.01 16.57 -5.49
CA ASP D 64 -17.67 16.04 -5.69
C ASP D 64 -17.00 16.77 -6.85
N GLY D 65 -15.68 16.93 -6.74
CA GLY D 65 -14.88 17.44 -7.86
C GLY D 65 -14.34 18.84 -7.73
N ASN D 66 -14.50 19.46 -6.57
CA ASN D 66 -14.01 20.83 -6.38
C ASN D 66 -12.50 20.92 -6.60
N GLY D 67 -11.76 20.19 -5.78
CA GLY D 67 -10.29 20.18 -5.88
C GLY D 67 -9.81 19.79 -7.27
N ARG D 68 -10.47 18.80 -7.87
CA ARG D 68 -10.11 18.30 -9.19
C ARG D 68 -10.28 19.39 -10.25
N TRP D 69 -11.38 20.12 -10.14
CA TRP D 69 -11.67 21.27 -11.00
C TRP D 69 -10.57 22.33 -10.94
N ALA D 70 -10.03 22.53 -9.74
CA ALA D 70 -8.99 23.53 -9.51
C ALA D 70 -7.62 23.04 -10.01
N THR D 71 -7.28 21.80 -9.69
CA THR D 71 -6.01 21.19 -10.12
C THR D 71 -5.86 21.23 -11.64
N GLN D 72 -6.96 20.97 -12.35
CA GLN D 72 -7.01 21.09 -13.81
C GLN D 72 -6.58 22.47 -14.31
N ARG D 73 -6.88 23.50 -13.54
CA ARG D 73 -6.59 24.89 -13.91
C ARG D 73 -5.34 25.43 -13.22
N GLY D 74 -4.55 24.54 -12.61
CA GLY D 74 -3.30 24.95 -11.96
C GLY D 74 -3.52 25.70 -10.67
N LEU D 75 -4.71 25.56 -10.08
CA LEU D 75 -5.09 26.31 -8.89
C LEU D 75 -5.12 25.42 -7.66
N ALA D 76 -4.97 26.04 -6.50
CA ALA D 76 -5.10 25.34 -5.22
C ALA D 76 -6.51 24.76 -5.08
N ARG D 77 -6.63 23.65 -4.36
CA ARG D 77 -7.90 22.93 -4.26
C ARG D 77 -8.99 23.73 -3.55
N THR D 78 -8.56 24.67 -2.71
CA THR D 78 -9.48 25.57 -2.00
C THR D 78 -10.19 26.55 -2.93
N GLU D 79 -9.63 26.77 -4.12
CA GLU D 79 -10.28 27.63 -5.12
C GLU D 79 -11.45 26.92 -5.80
N GLY D 80 -11.37 25.60 -5.93
CA GLY D 80 -12.48 24.79 -6.43
C GLY D 80 -13.67 24.86 -5.48
N HIS D 81 -13.37 24.75 -4.19
CA HIS D 81 -14.39 24.89 -3.14
C HIS D 81 -15.08 26.25 -3.19
N LYS D 82 -14.31 27.31 -3.41
CA LYS D 82 -14.85 28.67 -3.50
C LYS D 82 -15.91 28.76 -4.60
N MET D 83 -15.60 28.17 -5.75
CA MET D 83 -16.52 28.18 -6.89
C MET D 83 -17.74 27.29 -6.63
N GLY D 84 -17.55 26.26 -5.80
CA GLY D 84 -18.63 25.36 -5.41
C GLY D 84 -19.70 26.03 -4.58
N GLU D 85 -19.34 27.06 -3.81
CA GLU D 85 -20.30 27.76 -2.96
C GLU D 85 -21.52 28.25 -3.73
N ALA D 86 -21.30 28.93 -4.86
CA ALA D 86 -22.39 29.50 -5.65
C ALA D 86 -23.32 28.40 -6.18
N VAL D 87 -22.72 27.26 -6.52
CA VAL D 87 -23.47 26.14 -7.09
C VAL D 87 -24.48 25.55 -6.10
N VAL D 88 -24.12 25.57 -4.82
CA VAL D 88 -25.03 25.10 -3.76
C VAL D 88 -26.29 25.95 -3.76
N ILE D 89 -26.12 27.26 -3.80
CA ILE D 89 -27.27 28.17 -3.78
C ILE D 89 -28.09 28.03 -5.07
N ASP D 90 -27.41 27.89 -6.20
CA ASP D 90 -28.07 27.70 -7.49
C ASP D 90 -28.95 26.45 -7.48
N ILE D 91 -28.39 25.38 -6.90
CA ILE D 91 -29.07 24.10 -6.79
C ILE D 91 -30.24 24.19 -5.81
N ALA D 92 -30.07 24.96 -4.73
CA ALA D 92 -31.17 25.26 -3.82
C ALA D 92 -32.32 25.94 -4.58
N CYS D 93 -31.99 26.93 -5.40
CA CYS D 93 -33.00 27.66 -6.19
C CYS D 93 -33.72 26.73 -7.16
N GLY D 94 -32.96 25.85 -7.80
CA GLY D 94 -33.51 24.92 -8.78
C GLY D 94 -34.38 23.85 -8.16
N ALA D 95 -33.96 23.37 -6.99
CA ALA D 95 -34.75 22.43 -6.19
C ALA D 95 -36.13 23.01 -5.94
N ILE D 96 -36.16 24.29 -5.56
CA ILE D 96 -37.40 24.99 -5.25
C ILE D 96 -38.27 25.15 -6.49
N GLU D 97 -37.66 25.54 -7.61
CA GLU D 97 -38.38 25.67 -8.88
C GLU D 97 -38.98 24.33 -9.32
N LEU D 98 -38.26 23.23 -9.07
CA LEU D 98 -38.74 21.90 -9.44
C LEU D 98 -39.81 21.33 -8.48
N GLY D 99 -39.77 21.75 -7.22
CA GLY D 99 -40.72 21.25 -6.22
C GLY D 99 -40.19 20.12 -5.33
N ILE D 100 -38.87 20.01 -5.23
CA ILE D 100 -38.25 19.04 -4.33
C ILE D 100 -38.47 19.53 -2.87
N LYS D 101 -38.89 18.65 -1.99
CA LYS D 101 -39.20 19.03 -0.60
C LYS D 101 -38.02 18.87 0.35
N TRP D 102 -37.13 17.93 0.04
CA TRP D 102 -36.02 17.57 0.91
C TRP D 102 -34.73 17.46 0.12
N LEU D 103 -33.68 18.10 0.62
CA LEU D 103 -32.37 18.12 -0.03
C LEU D 103 -31.26 17.99 1.00
N SER D 104 -30.48 16.92 0.88
CA SER D 104 -29.35 16.67 1.76
C SER D 104 -28.07 16.83 0.97
N LEU D 105 -27.17 17.66 1.51
CA LEU D 105 -25.92 18.00 0.85
C LEU D 105 -24.76 17.54 1.72
N TYR D 106 -23.86 16.75 1.15
CA TYR D 106 -22.71 16.21 1.89
C TYR D 106 -21.59 17.27 1.92
N ALA D 107 -21.65 18.20 2.86
CA ALA D 107 -20.69 19.32 2.89
C ALA D 107 -19.31 18.89 3.42
N PHE D 108 -19.28 18.07 4.46
CA PHE D 108 -18.03 17.59 5.04
C PHE D 108 -18.21 16.20 5.65
N SER D 109 -17.51 15.24 5.09
CA SER D 109 -17.54 13.86 5.52
C SER D 109 -16.60 13.66 6.70
N THR D 110 -16.93 12.72 7.57
CA THR D 110 -16.00 12.26 8.61
C THR D 110 -14.68 11.72 8.02
N GLU D 111 -14.70 11.29 6.76
CA GLU D 111 -13.47 10.85 6.13
C GLU D 111 -12.56 12.00 5.71
N ASN D 112 -13.09 13.23 5.66
CA ASN D 112 -12.29 14.37 5.24
C ASN D 112 -11.21 14.77 6.28
N TRP D 113 -11.33 14.24 7.49
CA TRP D 113 -10.28 14.35 8.49
C TRP D 113 -8.96 13.69 8.09
N LYS D 114 -8.99 12.86 7.05
CA LYS D 114 -7.77 12.25 6.53
C LYS D 114 -7.07 13.16 5.51
N ARG D 115 -7.68 14.29 5.16
CA ARG D 115 -7.05 15.27 4.26
C ARG D 115 -5.94 16.05 5.00
N SER D 116 -5.23 16.90 4.27
CA SER D 116 -4.21 17.73 4.90
C SER D 116 -4.84 18.64 5.95
N PRO D 117 -4.13 18.88 7.07
CA PRO D 117 -4.71 19.77 8.09
C PRO D 117 -5.04 21.16 7.54
N GLU D 118 -4.27 21.64 6.57
CA GLU D 118 -4.50 22.93 5.93
C GLU D 118 -5.86 22.93 5.22
N GLU D 119 -6.13 21.89 4.43
CA GLU D 119 -7.41 21.78 3.74
C GLU D 119 -8.55 21.62 4.75
N VAL D 120 -8.35 20.80 5.78
CA VAL D 120 -9.37 20.65 6.82
C VAL D 120 -9.69 21.97 7.53
N ARG D 121 -8.65 22.73 7.89
CA ARG D 121 -8.86 24.03 8.53
C ARG D 121 -9.58 25.02 7.60
N PHE D 122 -9.23 25.00 6.32
CA PHE D 122 -9.93 25.83 5.33
C PHE D 122 -11.41 25.52 5.25
N LEU D 123 -11.76 24.24 5.08
CA LEU D 123 -13.15 23.83 4.89
C LEU D 123 -14.01 24.10 6.12
N MET D 124 -13.41 24.04 7.30
CA MET D 124 -14.11 24.36 8.55
C MET D 124 -14.48 25.84 8.54
N GLY D 125 -13.47 26.69 8.38
CA GLY D 125 -13.67 28.14 8.28
C GLY D 125 -14.62 28.53 7.16
N PHE D 126 -14.53 27.82 6.04
CA PHE D 126 -15.29 28.17 4.85
C PHE D 126 -16.78 27.85 5.00
N ASN D 127 -17.09 26.66 5.52
CA ASN D 127 -18.47 26.29 5.82
C ASN D 127 -19.10 27.22 6.85
N ARG D 128 -18.32 27.61 7.85
CA ARG D 128 -18.75 28.58 8.86
C ARG D 128 -19.12 29.90 8.18
N ASP D 129 -18.23 30.37 7.31
CA ASP D 129 -18.44 31.66 6.63
C ASP D 129 -19.57 31.61 5.61
N VAL D 130 -19.66 30.53 4.85
CA VAL D 130 -20.76 30.36 3.89
C VAL D 130 -22.13 30.37 4.58
N VAL D 131 -22.24 29.63 5.68
CA VAL D 131 -23.48 29.60 6.45
C VAL D 131 -23.86 31.02 6.92
N ARG D 132 -22.91 31.72 7.51
CA ARG D 132 -23.10 33.11 7.95
C ARG D 132 -23.50 34.02 6.78
N ARG D 133 -22.80 33.87 5.66
CA ARG D 133 -23.00 34.71 4.46
C ARG D 133 -24.34 34.49 3.77
N ARG D 134 -24.84 33.25 3.83
CA ARG D 134 -25.98 32.84 3.02
C ARG D 134 -27.30 32.63 3.76
N ARG D 135 -27.27 32.59 5.09
CA ARG D 135 -28.45 32.18 5.84
C ARG D 135 -29.64 33.15 5.72
N ASP D 136 -29.35 34.43 5.55
CA ASP D 136 -30.41 35.42 5.30
C ASP D 136 -31.11 35.16 3.97
N THR D 137 -30.32 34.95 2.92
CA THR D 137 -30.84 34.57 1.62
C THR D 137 -31.72 33.31 1.71
N LEU D 138 -31.19 32.27 2.35
CA LEU D 138 -31.93 31.02 2.48
C LEU D 138 -33.26 31.20 3.21
N LYS D 139 -33.27 32.01 4.27
CA LYS D 139 -34.49 32.29 5.02
C LYS D 139 -35.53 32.97 4.13
N LYS D 140 -35.11 33.99 3.40
CA LYS D 140 -35.98 34.73 2.49
C LYS D 140 -36.61 33.83 1.42
N LEU D 141 -35.91 32.76 1.02
CA LEU D 141 -36.40 31.83 0.00
C LEU D 141 -37.32 30.72 0.54
N GLY D 142 -37.55 30.70 1.85
CA GLY D 142 -38.40 29.68 2.46
C GLY D 142 -37.68 28.37 2.74
N VAL D 143 -36.35 28.40 2.72
CA VAL D 143 -35.53 27.25 3.04
C VAL D 143 -35.50 27.06 4.55
N ARG D 144 -35.71 25.83 4.98
CA ARG D 144 -35.45 25.43 6.36
C ARG D 144 -34.14 24.67 6.36
N ILE D 145 -33.14 25.21 7.04
CA ILE D 145 -31.84 24.57 7.04
C ILE D 145 -31.48 24.09 8.43
N ARG D 146 -30.77 22.97 8.48
CA ARG D 146 -30.13 22.58 9.72
C ARG D 146 -28.92 21.67 9.53
N TRP D 147 -28.10 21.65 10.57
CA TRP D 147 -26.92 20.81 10.61
C TRP D 147 -27.29 19.34 10.87
N VAL D 148 -26.65 18.44 10.13
CA VAL D 148 -26.67 17.01 10.44
C VAL D 148 -25.21 16.54 10.50
N GLY D 149 -24.84 15.93 11.61
CA GLY D 149 -23.50 15.37 11.74
C GLY D 149 -23.13 15.04 13.15
N SER D 150 -21.85 14.71 13.34
CA SER D 150 -21.32 14.25 14.61
C SER D 150 -20.52 15.37 15.29
N ARG D 151 -20.66 15.47 16.61
CA ARG D 151 -20.04 16.55 17.37
C ARG D 151 -18.51 16.52 17.47
N PRO D 152 -17.93 15.36 17.85
CA PRO D 152 -16.48 15.32 18.08
C PRO D 152 -15.64 15.85 16.92
N ARG D 153 -14.68 16.72 17.24
CA ARG D 153 -13.74 17.32 16.28
C ARG D 153 -14.29 18.53 15.53
N LEU D 154 -15.59 18.60 15.31
CA LEU D 154 -16.18 19.69 14.53
C LEU D 154 -16.04 21.01 15.29
N TRP D 155 -15.48 22.03 14.63
CA TRP D 155 -15.36 23.37 15.19
C TRP D 155 -16.70 23.86 15.75
N ARG D 156 -16.70 24.31 17.00
CA ARG D 156 -17.91 24.79 17.63
C ARG D 156 -18.49 25.99 16.91
N SER D 157 -17.60 26.79 16.30
CA SER D 157 -18.02 27.93 15.48
C SER D 157 -18.91 27.50 14.32
N VAL D 158 -18.65 26.33 13.75
CA VAL D 158 -19.47 25.80 12.63
C VAL D 158 -20.87 25.35 13.10
N ILE D 159 -20.90 24.55 14.18
CA ILE D 159 -22.16 24.11 14.77
C ILE D 159 -22.97 25.34 15.17
N ASN D 160 -22.29 26.32 15.77
CA ASN D 160 -22.94 27.55 16.22
C ASN D 160 -23.61 28.33 15.10
N GLU D 161 -22.93 28.50 13.96
CA GLU D 161 -23.49 29.28 12.86
C GLU D 161 -24.69 28.55 12.24
N LEU D 162 -24.59 27.22 12.13
CA LEU D 162 -25.72 26.39 11.68
C LEU D 162 -26.87 26.39 12.70
N ALA D 163 -26.54 26.48 13.99
CA ALA D 163 -27.55 26.58 15.03
C ALA D 163 -28.36 27.86 14.88
N VAL D 164 -27.67 28.98 14.69
CA VAL D 164 -28.30 30.27 14.39
C VAL D 164 -29.16 30.18 13.13
N ALA D 165 -28.59 29.62 12.07
CA ALA D 165 -29.31 29.43 10.79
C ALA D 165 -30.58 28.60 10.96
N GLU D 166 -30.48 27.53 11.75
CA GLU D 166 -31.60 26.64 12.00
C GLU D 166 -32.73 27.39 12.70
N GLU D 167 -32.40 28.10 13.78
CA GLU D 167 -33.38 28.85 14.55
C GLU D 167 -34.09 29.90 13.69
N MET D 168 -33.33 30.62 12.87
CA MET D 168 -33.89 31.65 11.98
C MET D 168 -34.85 31.10 10.94
N THR D 169 -34.68 29.84 10.55
CA THR D 169 -35.44 29.26 9.43
C THR D 169 -36.38 28.13 9.84
N LYS D 170 -36.57 27.96 11.15
CA LYS D 170 -37.27 26.80 11.67
C LYS D 170 -38.73 26.73 11.24
N SER D 171 -39.32 27.90 10.96
CA SER D 171 -40.71 27.99 10.54
C SER D 171 -40.89 27.96 9.02
N ASN D 172 -39.80 27.94 8.25
CA ASN D 172 -39.90 27.83 6.79
C ASN D 172 -40.30 26.41 6.40
N ASP D 173 -40.95 26.26 5.24
CA ASP D 173 -41.22 24.91 4.71
C ASP D 173 -41.41 24.77 3.18
N VAL D 174 -40.79 25.66 2.41
CA VAL D 174 -40.73 25.47 0.95
C VAL D 174 -39.85 24.26 0.67
N ILE D 175 -38.71 24.19 1.34
CA ILE D 175 -37.79 23.08 1.21
C ILE D 175 -36.96 22.98 2.47
N THR D 176 -36.64 21.74 2.87
CA THR D 176 -35.71 21.51 3.97
C THR D 176 -34.34 21.04 3.46
N ILE D 177 -33.30 21.81 3.78
CA ILE D 177 -31.94 21.40 3.49
C ILE D 177 -31.24 20.81 4.73
N ASN D 178 -30.80 19.56 4.61
CA ASN D 178 -29.89 18.96 5.59
C ASN D 178 -28.45 19.26 5.18
N TYR D 179 -27.82 20.18 5.91
CA TYR D 179 -26.44 20.55 5.67
C TYR D 179 -25.54 19.64 6.47
N CYS D 180 -24.96 18.63 5.80
CA CYS D 180 -24.27 17.55 6.47
C CYS D 180 -22.78 17.84 6.64
N VAL D 181 -22.37 18.06 7.89
CA VAL D 181 -21.00 18.48 8.22
C VAL D 181 -20.47 17.60 9.34
N ASN D 182 -19.32 16.95 9.11
CA ASN D 182 -18.78 15.91 10.01
C ASN D 182 -19.81 14.79 10.15
N TYR D 183 -20.39 14.45 8.99
CA TYR D 183 -21.39 13.40 8.87
C TYR D 183 -20.77 12.12 8.30
N GLY D 184 -21.22 10.98 8.82
CA GLY D 184 -20.94 9.64 8.26
C GLY D 184 -22.08 8.70 8.60
N GLY D 185 -22.56 7.91 7.63
CA GLY D 185 -23.70 7.02 7.86
C GLY D 185 -23.45 5.98 8.93
N ARG D 186 -22.34 5.26 8.82
CA ARG D 186 -21.96 4.31 9.86
C ARG D 186 -21.88 4.98 11.25
N THR D 187 -21.33 6.18 11.29
CA THR D 187 -21.16 6.92 12.55
C THR D 187 -22.51 7.29 13.16
N GLU D 188 -23.44 7.80 12.36
CA GLU D 188 -24.74 8.16 12.90
C GLU D 188 -25.51 6.92 13.36
N ILE D 189 -25.27 5.78 12.71
CA ILE D 189 -25.88 4.51 13.14
C ILE D 189 -25.28 4.08 14.48
N THR D 190 -23.95 4.19 14.60
CA THR D 190 -23.24 3.86 15.84
C THR D 190 -23.68 4.75 17.02
N GLU D 191 -23.87 6.04 16.77
CA GLU D 191 -24.37 6.96 17.79
C GLU D 191 -25.79 6.57 18.23
N ALA D 192 -26.59 6.10 17.28
CA ALA D 192 -27.96 5.60 17.55
C ALA D 192 -27.91 4.39 18.46
N THR D 193 -27.08 3.42 18.10
CA THR D 193 -26.88 2.21 18.90
C THR D 193 -26.40 2.55 20.29
N ARG D 194 -25.47 3.50 20.36
CA ARG D 194 -24.94 3.97 21.64
C ARG D 194 -26.06 4.54 22.53
N GLU D 195 -26.94 5.37 21.97
CA GLU D 195 -28.02 5.95 22.78
C GLU D 195 -29.02 4.87 23.23
N ILE D 196 -29.35 3.97 22.31
CA ILE D 196 -30.19 2.82 22.63
C ILE D 196 -29.59 2.01 23.78
N ALA D 197 -28.28 1.79 23.74
CA ALA D 197 -27.56 1.10 24.82
C ALA D 197 -27.72 1.81 26.16
N ARG D 198 -27.63 3.14 26.14
CA ARG D 198 -27.79 3.94 27.35
C ARG D 198 -29.17 3.76 27.96
N GLU D 199 -30.19 3.72 27.12
CA GLU D 199 -31.57 3.51 27.57
C GLU D 199 -31.74 2.15 28.22
N VAL D 200 -31.14 1.14 27.60
CA VAL D 200 -31.17 -0.22 28.15
C VAL D 200 -30.45 -0.27 29.49
N ALA D 201 -29.31 0.41 29.59
CA ALA D 201 -28.55 0.50 30.84
C ALA D 201 -29.33 1.23 31.94
N ALA D 202 -30.18 2.16 31.54
CA ALA D 202 -31.03 2.90 32.46
C ALA D 202 -32.23 2.08 32.94
N GLY D 203 -32.64 1.11 32.13
CA GLY D 203 -33.83 0.31 32.43
C GLY D 203 -35.07 0.82 31.72
N ARG D 204 -34.88 1.73 30.77
CA ARG D 204 -35.99 2.35 30.02
C ARG D 204 -36.29 1.67 28.68
N LEU D 205 -35.55 0.62 28.33
CA LEU D 205 -35.73 -0.09 27.06
C LEU D 205 -35.41 -1.58 27.19
N ASN D 206 -36.39 -2.40 26.82
CA ASN D 206 -36.20 -3.85 26.71
C ASN D 206 -35.46 -4.14 25.40
N PRO D 207 -34.27 -4.77 25.48
CA PRO D 207 -33.52 -5.15 24.27
C PRO D 207 -34.39 -5.88 23.23
N GLU D 208 -35.33 -6.69 23.69
CA GLU D 208 -36.12 -7.54 22.81
C GLU D 208 -37.15 -6.78 21.98
N ARG D 209 -37.41 -5.52 22.32
CA ARG D 209 -38.37 -4.72 21.56
C ARG D 209 -37.71 -3.67 20.67
N ILE D 210 -36.39 -3.73 20.54
CA ILE D 210 -35.69 -2.89 19.58
C ILE D 210 -36.09 -3.29 18.16
N THR D 211 -36.51 -2.33 17.35
CA THR D 211 -36.91 -2.56 15.95
C THR D 211 -36.12 -1.64 15.03
N GLU D 212 -36.32 -1.78 13.72
CA GLU D 212 -35.69 -0.87 12.75
C GLU D 212 -36.16 0.56 13.04
N SER D 213 -37.42 0.71 13.46
CA SER D 213 -37.93 2.03 13.81
C SER D 213 -37.23 2.61 15.03
N THR D 214 -36.79 1.75 15.94
CA THR D 214 -36.05 2.21 17.10
C THR D 214 -34.75 2.87 16.61
N ILE D 215 -34.06 2.19 15.70
CA ILE D 215 -32.83 2.76 15.12
C ILE D 215 -33.14 4.09 14.46
N ALA D 216 -34.16 4.10 13.61
CA ALA D 216 -34.52 5.30 12.85
C ALA D 216 -34.80 6.47 13.78
N ARG D 217 -35.47 6.21 14.91
CA ARG D 217 -35.80 7.26 15.87
C ARG D 217 -34.58 7.80 16.62
N HIS D 218 -33.48 7.06 16.63
CA HIS D 218 -32.27 7.51 17.31
C HIS D 218 -31.18 7.99 16.36
N LEU D 219 -31.50 8.13 15.07
CA LEU D 219 -30.55 8.75 14.16
C LEU D 219 -30.47 10.25 14.48
N GLN D 220 -29.51 10.93 13.87
CA GLN D 220 -29.16 12.31 14.24
C GLN D 220 -30.37 13.26 14.07
N ARG D 221 -31.00 13.22 12.91
CA ARG D 221 -32.23 13.96 12.65
C ARG D 221 -33.29 12.98 12.17
N PRO D 222 -34.05 12.40 13.11
CA PRO D 222 -35.05 11.37 12.81
C PRO D 222 -36.19 11.73 11.84
N ASP D 223 -36.46 13.02 11.64
CA ASP D 223 -37.50 13.43 10.70
C ASP D 223 -37.07 13.36 9.22
N ILE D 224 -35.79 13.09 8.96
CA ILE D 224 -35.31 12.97 7.57
C ILE D 224 -35.90 11.71 6.93
N PRO D 225 -36.67 11.89 5.84
CA PRO D 225 -37.26 10.73 5.16
C PRO D 225 -36.25 9.99 4.31
N ASP D 226 -36.63 8.81 3.83
CA ASP D 226 -35.76 8.02 2.95
C ASP D 226 -35.30 8.87 1.77
N VAL D 227 -34.10 8.61 1.28
CA VAL D 227 -33.62 9.26 0.08
C VAL D 227 -34.23 8.56 -1.12
N ASP D 228 -34.82 9.35 -2.01
CA ASP D 228 -35.40 8.81 -3.25
C ASP D 228 -34.41 8.81 -4.40
N LEU D 229 -33.69 9.92 -4.53
CA LEU D 229 -32.68 10.10 -5.58
C LEU D 229 -31.36 10.44 -4.93
N PHE D 230 -30.34 9.62 -5.20
CA PHE D 230 -29.01 9.86 -4.69
C PHE D 230 -28.15 10.28 -5.88
N LEU D 231 -27.65 11.50 -5.81
CA LEU D 231 -26.83 12.06 -6.86
C LEU D 231 -25.38 12.18 -6.41
N ARG D 232 -24.46 11.93 -7.32
CA ARG D 232 -23.06 12.24 -7.08
C ARG D 232 -22.41 12.73 -8.37
N THR D 233 -21.60 13.78 -8.23
CA THR D 233 -20.93 14.41 -9.37
C THR D 233 -19.51 13.84 -9.55
N SER D 234 -18.85 14.30 -10.61
CA SER D 234 -17.45 13.96 -10.91
C SER D 234 -17.23 12.52 -11.40
N GLY D 235 -18.31 11.82 -11.73
CA GLY D 235 -18.23 10.47 -12.28
C GLY D 235 -17.86 9.36 -11.30
N GLU D 236 -17.69 9.70 -10.03
CA GLU D 236 -17.40 8.67 -9.01
C GLU D 236 -18.67 7.93 -8.67
N GLN D 237 -18.64 6.61 -8.84
CA GLN D 237 -19.82 5.78 -8.53
C GLN D 237 -19.68 5.13 -7.15
N ARG D 238 -19.74 5.98 -6.12
CA ARG D 238 -19.73 5.55 -4.71
C ARG D 238 -20.74 6.40 -3.94
N SER D 239 -21.37 5.80 -2.92
CA SER D 239 -22.23 6.58 -2.02
C SER D 239 -21.38 7.22 -0.91
N SER D 240 -20.19 6.65 -0.69
CA SER D 240 -19.25 7.10 0.34
C SER D 240 -19.93 7.36 1.69
N ASN D 241 -20.73 6.39 2.15
CA ASN D 241 -21.22 6.43 3.53
C ASN D 241 -22.15 7.63 3.79
N PHE D 242 -22.75 8.17 2.74
CA PHE D 242 -23.65 9.30 2.88
C PHE D 242 -25.09 8.85 2.98
N MET D 243 -25.80 9.35 3.98
CA MET D 243 -27.18 8.96 4.21
C MET D 243 -27.39 7.43 4.11
N LEU D 244 -26.52 6.69 4.81
CA LEU D 244 -26.43 5.24 4.64
C LEU D 244 -27.74 4.50 4.96
N TRP D 245 -28.27 4.72 6.16
CA TRP D 245 -29.57 4.14 6.52
C TRP D 245 -30.65 4.64 5.57
N GLN D 246 -30.67 5.94 5.29
CA GLN D 246 -31.81 6.57 4.61
C GLN D 246 -31.86 6.23 3.12
N ALA D 247 -30.72 5.87 2.54
CA ALA D 247 -30.60 5.64 1.11
C ALA D 247 -30.68 4.17 0.70
N ALA D 248 -31.10 3.30 1.62
CA ALA D 248 -31.15 1.86 1.38
C ALA D 248 -31.87 1.49 0.07
N TYR D 249 -32.98 2.17 -0.23
CA TYR D 249 -33.74 1.95 -1.47
C TYR D 249 -33.68 3.12 -2.46
N ALA D 250 -32.70 4.01 -2.28
CA ALA D 250 -32.51 5.14 -3.18
C ALA D 250 -32.12 4.71 -4.61
N GLU D 251 -32.61 5.47 -5.58
CA GLU D 251 -32.13 5.37 -6.95
C GLU D 251 -30.83 6.17 -7.05
N TYR D 252 -29.79 5.58 -7.65
CA TYR D 252 -28.51 6.25 -7.83
C TYR D 252 -28.42 6.82 -9.24
N ILE D 253 -28.05 8.09 -9.35
CA ILE D 253 -27.62 8.68 -10.62
C ILE D 253 -26.24 9.30 -10.40
N PHE D 254 -25.28 8.85 -11.19
CA PHE D 254 -23.91 9.34 -11.12
C PHE D 254 -23.61 10.17 -12.35
N GLN D 255 -23.37 11.47 -12.14
CA GLN D 255 -23.13 12.40 -13.23
C GLN D 255 -21.65 12.77 -13.33
N ASP D 256 -21.17 12.90 -14.56
CA ASP D 256 -19.74 13.12 -14.83
C ASP D 256 -19.23 14.52 -14.46
N LYS D 257 -20.10 15.52 -14.53
CA LYS D 257 -19.72 16.93 -14.29
C LYS D 257 -19.08 17.15 -12.92
N LEU D 258 -17.98 17.89 -12.88
CA LEU D 258 -17.38 18.32 -11.61
C LEU D 258 -18.28 19.39 -10.98
N TRP D 259 -18.34 19.41 -9.64
CA TRP D 259 -19.28 20.27 -8.92
C TRP D 259 -19.24 21.76 -9.27
N PRO D 260 -18.02 22.35 -9.40
CA PRO D 260 -17.98 23.77 -9.79
C PRO D 260 -18.58 24.07 -11.18
N ASP D 261 -18.64 23.07 -12.06
CA ASP D 261 -19.27 23.22 -13.38
C ASP D 261 -20.77 22.89 -13.38
N TYR D 262 -21.30 22.47 -12.23
CA TYR D 262 -22.68 21.99 -12.10
C TYR D 262 -23.62 23.18 -12.02
N ASP D 263 -24.85 23.01 -12.49
CA ASP D 263 -25.90 24.01 -12.29
C ASP D 263 -27.27 23.33 -12.19
N ARG D 264 -28.30 24.14 -11.93
CA ARG D 264 -29.62 23.60 -11.62
C ARG D 264 -30.24 22.79 -12.75
N ARG D 265 -29.85 23.08 -14.00
CA ARG D 265 -30.33 22.33 -15.16
C ARG D 265 -29.88 20.87 -15.10
N ASP D 266 -28.73 20.62 -14.45
CA ASP D 266 -28.17 19.28 -14.27
C ASP D 266 -28.93 18.50 -13.19
N LEU D 267 -29.35 19.20 -12.14
CA LEU D 267 -30.23 18.63 -11.14
C LEU D 267 -31.56 18.22 -11.78
N TRP D 268 -32.11 19.11 -12.59
CA TRP D 268 -33.37 18.81 -13.26
C TRP D 268 -33.25 17.61 -14.18
N ALA D 269 -32.12 17.49 -14.89
CA ALA D 269 -31.90 16.37 -15.80
C ALA D 269 -31.86 15.03 -15.06
N ALA D 270 -31.17 15.02 -13.91
CA ALA D 270 -31.14 13.84 -13.06
C ALA D 270 -32.55 13.48 -12.60
N CYS D 271 -33.35 14.50 -12.26
CA CYS D 271 -34.72 14.28 -11.82
C CYS D 271 -35.60 13.72 -12.93
N GLU D 272 -35.42 14.21 -14.16
CA GLU D 272 -36.11 13.65 -15.32
C GLU D 272 -35.75 12.17 -15.51
N GLU D 273 -34.47 11.85 -15.35
CA GLU D 273 -34.01 10.46 -15.44
C GLU D 273 -34.68 9.60 -14.37
N TYR D 274 -34.74 10.10 -13.14
CA TYR D 274 -35.39 9.41 -12.02
C TYR D 274 -36.86 9.11 -12.35
N ALA D 275 -37.54 10.10 -12.90
CA ALA D 275 -38.96 9.98 -13.21
C ALA D 275 -39.25 8.89 -14.25
N SER D 276 -38.26 8.54 -15.07
CA SER D 276 -38.44 7.49 -16.08
C SER D 276 -38.34 6.07 -15.48
N ARG D 277 -37.75 5.95 -14.29
CA ARG D 277 -37.48 4.65 -13.69
C ARG D 277 -38.63 4.09 -12.87
N THR D 278 -38.63 2.76 -12.70
CA THR D 278 -39.64 2.05 -11.93
C THR D 278 -39.08 1.49 -10.62
N ARG D 279 -39.64 1.95 -9.50
CA ARG D 279 -39.21 1.51 -8.17
C ARG D 279 -40.13 0.42 -7.65
N ARG D 280 -39.55 -0.58 -6.97
CA ARG D 280 -40.25 -1.81 -6.61
C ARG D 280 -40.31 -2.07 -5.10
N PHE D 281 -39.26 -1.71 -4.39
CA PHE D 281 -39.16 -1.89 -2.93
C PHE D 281 -39.43 -3.33 -2.49
N GLY D 282 -38.88 -4.30 -3.24
CA GLY D 282 -39.06 -5.72 -2.95
C GLY D 282 -40.09 -6.48 -3.78
N SER D 283 -41.13 -5.80 -4.26
CA SER D 283 -42.21 -6.47 -5.02
C SER D 283 -41.80 -6.77 -6.46
N ALA D 284 -42.65 -7.49 -7.18
CA ALA D 284 -42.39 -7.83 -8.58
C ALA D 284 -43.26 -6.99 -9.51
#